data_8BMY
#
_entry.id   8BMY
#
_cell.length_a   80.315
_cell.length_b   59.078
_cell.length_c   101.544
_cell.angle_alpha   90.000
_cell.angle_beta   103.865
_cell.angle_gamma   90.000
#
_symmetry.space_group_name_H-M   'P 1 21 1'
#
loop_
_entity.id
_entity.type
_entity.pdbx_description
1 polymer 'Putative surface layer protein'
2 non-polymer CYANOCOBALAMIN
3 non-polymer 'CHLORIDE ION'
4 non-polymer 'SULFATE ION'
5 water water
#
_entity_poly.entity_id   1
_entity_poly.type   'polypeptide(L)'
_entity_poly.pdbx_seq_one_letter_code
;CMKWDYGEMEDFSVSASGLFITNEGNFQYSNATLSYYDPATCEVENEVFYRANGFKLGDVAQSMVIRDGIGWIVVNNSHV
IFAIDINTFKEVGRITGFTSPRYIHFLSDEKAYVTQIWDYRIFIINPKTYEITGYIECPDMDMESGSTEQMVQYGKYVYV
NCWSYQNRILKIDTETDKVVDELTIGIQPTSLVMDKYNKMWTITDGGYEGSPYGYEAPSLYRIDAETFTVEKQFKFKLGD
WPSEVQLNGTRDTLYWINNDIWRMPVEADRVPVRPFLEFRDTKYYGLTVNPNNGEVYVADAIDYQQQGIVYRYSPQGKLI
DEFYVGIIPGAFCWKLEHHHHHH
;
_entity_poly.pdbx_strand_id   A,B
#
loop_
_chem_comp.id
_chem_comp.type
_chem_comp.name
_chem_comp.formula
CL non-polymer 'CHLORIDE ION' 'Cl -1'
CNC non-polymer CYANOCOBALAMIN 'C63 H89 Co N14 O14 P 2'
SO4 non-polymer 'SULFATE ION' 'O4 S -2'
#
# COMPACT_ATOMS: atom_id res chain seq x y z
N MET A 9 13.52 -28.96 1.50
CA MET A 9 12.05 -28.93 1.23
C MET A 9 11.47 -30.33 1.35
N GLU A 10 10.25 -30.43 1.87
CA GLU A 10 9.54 -31.70 2.21
C GLU A 10 8.21 -31.76 1.46
N ASP A 11 7.85 -32.94 0.93
CA ASP A 11 6.55 -33.19 0.25
C ASP A 11 5.51 -33.58 1.30
N PHE A 12 4.39 -32.85 1.30
CA PHE A 12 3.19 -33.12 2.11
C PHE A 12 2.03 -33.43 1.16
N SER A 13 1.18 -34.37 1.57
CA SER A 13 -0.13 -34.65 0.95
C SER A 13 -1.08 -35.08 2.07
N VAL A 14 -1.66 -34.12 2.79
CA VAL A 14 -2.32 -34.36 4.09
C VAL A 14 -3.81 -34.61 3.87
N SER A 15 -4.50 -34.92 4.97
CA SER A 15 -5.94 -35.28 5.07
C SER A 15 -6.83 -34.22 4.39
N ALA A 16 -7.94 -34.63 3.79
CA ALA A 16 -8.99 -33.74 3.25
C ALA A 16 -9.61 -32.91 4.37
N SER A 17 -9.63 -33.45 5.59
CA SER A 17 -10.20 -32.77 6.79
C SER A 17 -9.09 -32.53 7.82
N GLY A 18 -8.92 -31.28 8.24
CA GLY A 18 -7.88 -30.95 9.22
C GLY A 18 -8.05 -29.56 9.80
N LEU A 19 -7.00 -29.12 10.49
CA LEU A 19 -7.04 -27.89 11.29
C LEU A 19 -5.68 -27.22 11.21
N PHE A 20 -5.66 -25.99 10.71
CA PHE A 20 -4.45 -25.14 10.73
C PHE A 20 -4.45 -24.35 12.02
N ILE A 21 -3.27 -24.23 12.64
CA ILE A 21 -3.01 -23.32 13.77
C ILE A 21 -1.91 -22.35 13.30
N THR A 22 -2.20 -21.05 13.28
CA THR A 22 -1.18 -20.00 13.05
C THR A 22 -0.50 -19.70 14.38
N ASN A 23 0.82 -19.51 14.34
CA ASN A 23 1.66 -19.17 15.50
C ASN A 23 2.28 -17.80 15.21
N GLU A 24 1.92 -16.81 16.01
CA GLU A 24 2.37 -15.41 15.84
C GLU A 24 3.89 -15.35 15.97
N GLY A 25 4.46 -16.26 16.77
CA GLY A 25 5.85 -16.14 17.24
C GLY A 25 5.99 -14.89 18.08
N ASN A 26 7.24 -14.48 18.33
CA ASN A 26 7.54 -13.27 19.12
C ASN A 26 7.63 -12.07 18.17
N PHE A 27 6.78 -11.07 18.38
CA PHE A 27 6.76 -9.81 17.61
C PHE A 27 8.19 -9.27 17.52
N GLN A 28 8.67 -9.04 16.29
CA GLN A 28 10.00 -8.47 15.91
C GLN A 28 11.11 -9.53 15.97
N TYR A 29 10.79 -10.83 16.13
CA TYR A 29 11.80 -11.92 16.12
C TYR A 29 11.62 -12.87 14.93
N SER A 30 10.58 -12.69 14.11
CA SER A 30 10.38 -13.42 12.82
C SER A 30 10.48 -14.95 13.03
N ASN A 31 9.71 -15.49 13.99
CA ASN A 31 9.68 -16.94 14.29
C ASN A 31 8.23 -17.42 14.24
N ALA A 32 7.38 -16.76 13.43
CA ALA A 32 5.99 -17.20 13.17
C ALA A 32 6.06 -18.54 12.43
N THR A 33 5.12 -19.43 12.73
CA THR A 33 5.08 -20.76 12.05
C THR A 33 3.62 -21.18 11.84
N LEU A 34 3.43 -22.18 11.00
CA LEU A 34 2.11 -22.79 10.71
C LEU A 34 2.12 -24.22 11.21
N SER A 35 1.06 -24.61 11.92
CA SER A 35 0.86 -26.00 12.40
C SER A 35 -0.33 -26.58 11.66
N TYR A 36 -0.30 -27.90 11.45
CA TYR A 36 -1.40 -28.66 10.83
C TYR A 36 -1.73 -29.85 11.72
N TYR A 37 -2.98 -29.94 12.18
CA TYR A 37 -3.46 -31.03 13.05
C TYR A 37 -4.51 -31.83 12.31
N ASP A 38 -4.40 -33.15 12.41
CA ASP A 38 -5.39 -34.13 11.86
C ASP A 38 -6.22 -34.67 13.02
N PRO A 39 -7.47 -34.20 13.20
CA PRO A 39 -8.28 -34.66 14.33
C PRO A 39 -8.59 -36.17 14.29
N ALA A 40 -8.54 -36.78 13.10
CA ALA A 40 -8.81 -38.24 12.99
C ALA A 40 -7.63 -39.02 13.55
N THR A 41 -6.39 -38.61 13.26
CA THR A 41 -5.16 -39.35 13.67
C THR A 41 -4.59 -38.79 14.97
N CYS A 42 -5.05 -37.62 15.38
CA CYS A 42 -4.57 -36.84 16.55
C CYS A 42 -3.08 -36.52 16.42
N GLU A 43 -2.58 -36.44 15.20
CA GLU A 43 -1.17 -36.05 14.92
C GLU A 43 -1.08 -34.56 14.56
N VAL A 44 -0.13 -33.85 15.16
CA VAL A 44 0.22 -32.46 14.73
C VAL A 44 1.51 -32.49 13.92
N GLU A 45 1.58 -31.61 12.94
CA GLU A 45 2.80 -31.27 12.17
C GLU A 45 3.09 -29.79 12.42
N ASN A 46 4.32 -29.47 12.82
CA ASN A 46 4.74 -28.08 13.14
C ASN A 46 5.70 -27.57 12.07
N GLU A 47 5.78 -26.24 11.92
CA GLU A 47 6.67 -25.54 10.96
C GLU A 47 6.39 -26.03 9.54
N VAL A 48 5.12 -26.28 9.16
CA VAL A 48 4.80 -26.95 7.86
C VAL A 48 5.03 -25.99 6.67
N PHE A 49 4.89 -24.67 6.86
CA PHE A 49 5.11 -23.70 5.76
C PHE A 49 6.60 -23.71 5.41
N TYR A 50 7.46 -23.61 6.42
CA TYR A 50 8.93 -23.65 6.21
C TYR A 50 9.30 -25.01 5.59
N ARG A 51 8.81 -26.09 6.17
CA ARG A 51 9.17 -27.46 5.74
C ARG A 51 8.80 -27.68 4.28
N ALA A 52 7.67 -27.12 3.82
CA ALA A 52 7.15 -27.31 2.45
C ALA A 52 7.85 -26.37 1.47
N ASN A 53 8.18 -25.14 1.88
CA ASN A 53 8.56 -24.03 0.94
C ASN A 53 10.03 -23.68 1.06
N GLY A 54 10.68 -24.02 2.18
CA GLY A 54 12.13 -23.81 2.38
C GLY A 54 12.45 -22.39 2.81
N PHE A 55 11.44 -21.59 3.18
CA PHE A 55 11.65 -20.24 3.75
C PHE A 55 10.56 -19.96 4.79
N LYS A 56 10.83 -18.97 5.65
CA LYS A 56 10.06 -18.57 6.85
C LYS A 56 8.75 -17.92 6.43
N LEU A 57 7.73 -18.08 7.27
CA LEU A 57 6.44 -17.36 7.14
C LEU A 57 6.71 -15.87 7.41
N GLY A 58 7.51 -15.58 8.44
CA GLY A 58 7.91 -14.20 8.79
C GLY A 58 7.58 -13.87 10.22
N ASP A 59 6.88 -12.76 10.46
CA ASP A 59 6.69 -12.18 11.80
C ASP A 59 5.22 -11.91 12.02
N VAL A 60 4.63 -12.56 13.03
CA VAL A 60 3.22 -12.41 13.50
C VAL A 60 2.25 -12.92 12.43
N ALA A 61 2.24 -14.23 12.19
CA ALA A 61 1.15 -14.91 11.48
C ALA A 61 -0.11 -14.66 12.34
N GLN A 62 -1.06 -13.92 11.80
CA GLN A 62 -2.21 -13.35 12.56
C GLN A 62 -3.47 -14.19 12.37
N SER A 63 -3.70 -14.68 11.16
CA SER A 63 -5.01 -15.27 10.78
C SER A 63 -4.91 -16.01 9.45
N MET A 64 -5.93 -16.78 9.16
CA MET A 64 -5.92 -17.63 7.95
C MET A 64 -7.37 -17.91 7.56
N VAL A 65 -7.62 -17.89 6.26
CA VAL A 65 -8.93 -18.20 5.64
C VAL A 65 -8.68 -19.23 4.53
N ILE A 66 -9.55 -20.23 4.43
CA ILE A 66 -9.50 -21.25 3.35
C ILE A 66 -10.69 -20.99 2.43
N ARG A 67 -10.40 -20.91 1.13
CA ARG A 67 -11.39 -20.66 0.06
C ARG A 67 -10.98 -21.46 -1.17
N ASP A 68 -11.87 -22.33 -1.64
CA ASP A 68 -11.73 -23.04 -2.94
C ASP A 68 -10.37 -23.72 -3.00
N GLY A 69 -9.97 -24.44 -1.94
CA GLY A 69 -8.74 -25.26 -1.92
C GLY A 69 -7.46 -24.47 -1.69
N ILE A 70 -7.55 -23.17 -1.35
CA ILE A 70 -6.36 -22.29 -1.11
CA ILE A 70 -6.36 -22.29 -1.11
C ILE A 70 -6.47 -21.69 0.30
N GLY A 71 -5.35 -21.72 1.04
CA GLY A 71 -5.20 -21.14 2.38
C GLY A 71 -4.54 -19.78 2.29
N TRP A 72 -5.21 -18.76 2.78
CA TRP A 72 -4.71 -17.36 2.77
C TRP A 72 -4.23 -17.03 4.18
N ILE A 73 -2.92 -16.93 4.36
CA ILE A 73 -2.24 -16.71 5.66
C ILE A 73 -1.78 -15.26 5.76
N VAL A 74 -2.33 -14.51 6.71
CA VAL A 74 -1.99 -13.09 6.93
C VAL A 74 -0.76 -13.05 7.82
N VAL A 75 0.36 -12.53 7.32
CA VAL A 75 1.60 -12.34 8.14
C VAL A 75 1.70 -10.84 8.43
N ASN A 76 1.13 -10.47 9.58
CA ASN A 76 0.91 -9.08 10.02
C ASN A 76 2.18 -8.23 9.90
N ASN A 77 3.30 -8.68 10.48
CA ASN A 77 4.51 -7.81 10.56
C ASN A 77 5.50 -8.15 9.43
N SER A 78 5.05 -8.81 8.35
CA SER A 78 5.85 -9.08 7.13
C SER A 78 5.16 -8.50 5.88
N HIS A 79 4.06 -7.78 6.06
CA HIS A 79 3.42 -6.94 5.01
C HIS A 79 2.95 -7.82 3.85
N VAL A 80 2.56 -9.06 4.14
CA VAL A 80 2.27 -10.07 3.11
C VAL A 80 1.11 -10.97 3.56
N ILE A 81 0.36 -11.43 2.58
CA ILE A 81 -0.54 -12.62 2.71
C ILE A 81 0.01 -13.71 1.79
N PHE A 82 0.26 -14.91 2.31
CA PHE A 82 0.64 -16.08 1.48
C PHE A 82 -0.62 -16.89 1.13
N ALA A 83 -0.73 -17.27 -0.16
CA ALA A 83 -1.70 -18.27 -0.65
C ALA A 83 -1.00 -19.63 -0.76
N ILE A 84 -1.52 -20.64 -0.08
CA ILE A 84 -0.92 -22.01 -0.08
C ILE A 84 -1.95 -23.04 -0.53
N ASP A 85 -1.47 -24.08 -1.19
CA ASP A 85 -2.25 -25.32 -1.41
C ASP A 85 -2.51 -25.92 -0.03
N ILE A 86 -3.77 -26.19 0.31
CA ILE A 86 -4.18 -26.71 1.66
C ILE A 86 -3.79 -28.18 1.84
N ASN A 87 -3.32 -28.88 0.79
CA ASN A 87 -2.92 -30.32 0.89
C ASN A 87 -1.39 -30.45 0.91
N THR A 88 -0.68 -29.61 0.16
CA THR A 88 0.80 -29.69 0.02
C THR A 88 1.50 -28.59 0.84
N PHE A 89 0.79 -27.53 1.19
CA PHE A 89 1.29 -26.33 1.93
C PHE A 89 2.26 -25.50 1.06
N LYS A 90 2.38 -25.82 -0.23
CA LYS A 90 3.24 -25.06 -1.18
C LYS A 90 2.56 -23.73 -1.50
N GLU A 91 3.32 -22.63 -1.53
CA GLU A 91 2.83 -21.29 -1.96
C GLU A 91 2.33 -21.39 -3.41
N VAL A 92 1.17 -20.83 -3.71
CA VAL A 92 0.66 -20.67 -5.11
CA VAL A 92 0.66 -20.68 -5.11
C VAL A 92 0.71 -19.19 -5.49
N GLY A 93 0.88 -18.31 -4.49
CA GLY A 93 1.04 -16.86 -4.71
C GLY A 93 1.14 -16.09 -3.40
N ARG A 94 1.38 -14.79 -3.51
CA ARG A 94 1.45 -13.88 -2.35
C ARG A 94 0.98 -12.50 -2.78
N ILE A 95 0.49 -11.72 -1.84
CA ILE A 95 0.18 -10.28 -2.04
C ILE A 95 1.03 -9.52 -1.04
N THR A 96 1.82 -8.57 -1.54
CA THR A 96 2.73 -7.72 -0.75
C THR A 96 2.19 -6.28 -0.78
N GLY A 97 2.71 -5.42 0.11
CA GLY A 97 2.41 -3.98 0.13
C GLY A 97 1.45 -3.61 1.24
N PHE A 98 1.02 -4.56 2.06
CA PHE A 98 0.10 -4.27 3.19
C PHE A 98 0.90 -3.46 4.22
N THR A 99 0.28 -2.43 4.80
CA THR A 99 0.90 -1.66 5.90
C THR A 99 1.22 -2.61 7.05
N SER A 100 0.23 -3.33 7.55
CA SER A 100 0.33 -4.27 8.69
C SER A 100 -0.97 -5.06 8.73
N PRO A 101 -1.12 -6.06 7.84
CA PRO A 101 -2.44 -6.69 7.62
C PRO A 101 -2.89 -7.54 8.82
N ARG A 102 -4.20 -7.75 8.93
CA ARG A 102 -4.87 -8.36 10.11
C ARG A 102 -5.74 -9.53 9.64
N TYR A 103 -6.85 -9.25 8.95
CA TYR A 103 -7.86 -10.26 8.53
C TYR A 103 -8.23 -10.02 7.07
N ILE A 104 -8.55 -11.11 6.38
CA ILE A 104 -9.01 -11.13 4.96
C ILE A 104 -10.46 -11.60 4.95
N HIS A 105 -11.31 -10.87 4.25
CA HIS A 105 -12.74 -11.19 4.04
C HIS A 105 -13.05 -11.16 2.53
N PHE A 106 -13.42 -12.29 1.96
CA PHE A 106 -13.72 -12.41 0.51
C PHE A 106 -15.15 -11.94 0.22
N LEU A 107 -15.31 -11.11 -0.82
CA LEU A 107 -16.64 -10.73 -1.39
C LEU A 107 -16.87 -11.55 -2.66
N SER A 108 -15.79 -11.90 -3.38
CA SER A 108 -15.80 -12.76 -4.59
C SER A 108 -14.40 -13.31 -4.85
N ASP A 109 -14.23 -14.08 -5.92
CA ASP A 109 -12.89 -14.61 -6.32
C ASP A 109 -11.96 -13.44 -6.69
N GLU A 110 -12.53 -12.28 -7.04
CA GLU A 110 -11.78 -11.12 -7.59
C GLU A 110 -11.80 -9.93 -6.62
N LYS A 111 -12.41 -10.07 -5.45
CA LYS A 111 -12.50 -8.94 -4.49
C LYS A 111 -12.47 -9.44 -3.05
N ALA A 112 -11.55 -8.91 -2.25
CA ALA A 112 -11.51 -9.15 -0.79
C ALA A 112 -11.04 -7.88 -0.08
N TYR A 113 -11.45 -7.72 1.17
CA TYR A 113 -10.99 -6.65 2.09
C TYR A 113 -9.91 -7.22 3.02
N VAL A 114 -8.86 -6.43 3.26
CA VAL A 114 -7.75 -6.79 4.18
C VAL A 114 -7.57 -5.62 5.16
N THR A 115 -7.92 -5.87 6.42
CA THR A 115 -7.84 -4.88 7.52
C THR A 115 -6.38 -4.69 7.92
N GLN A 116 -6.09 -3.59 8.58
CA GLN A 116 -4.72 -3.15 8.90
C GLN A 116 -4.66 -2.58 10.31
N ILE A 117 -3.50 -2.68 10.93
CA ILE A 117 -3.11 -1.80 12.06
C ILE A 117 -2.11 -0.75 11.52
N TRP A 118 -2.11 0.43 12.13
CA TRP A 118 -1.21 1.56 11.76
C TRP A 118 -1.56 2.08 10.36
N ASP A 119 -2.81 1.94 9.97
CA ASP A 119 -3.34 2.49 8.69
C ASP A 119 -4.79 2.84 8.98
N TYR A 120 -5.33 3.89 8.36
CA TYR A 120 -6.75 4.28 8.53
C TYR A 120 -7.58 3.67 7.40
N ARG A 121 -6.93 2.91 6.51
CA ARG A 121 -7.59 2.37 5.30
C ARG A 121 -7.72 0.86 5.46
N ILE A 122 -8.83 0.32 4.93
CA ILE A 122 -8.93 -1.13 4.58
C ILE A 122 -8.47 -1.29 3.14
N PHE A 123 -7.55 -2.22 2.88
CA PHE A 123 -7.06 -2.56 1.52
C PHE A 123 -8.10 -3.41 0.79
N ILE A 124 -8.41 -3.04 -0.46
CA ILE A 124 -9.20 -3.87 -1.39
C ILE A 124 -8.20 -4.59 -2.28
N ILE A 125 -8.34 -5.92 -2.40
CA ILE A 125 -7.43 -6.75 -3.22
C ILE A 125 -8.25 -7.55 -4.23
N ASN A 126 -7.56 -8.01 -5.28
CA ASN A 126 -8.01 -9.04 -6.23
C ASN A 126 -7.18 -10.30 -5.94
N PRO A 127 -7.77 -11.28 -5.23
CA PRO A 127 -7.08 -12.53 -4.91
C PRO A 127 -6.66 -13.35 -6.13
N LYS A 128 -7.42 -13.26 -7.22
CA LYS A 128 -7.16 -13.98 -8.49
C LYS A 128 -5.82 -13.51 -9.09
N THR A 129 -5.62 -12.19 -9.19
CA THR A 129 -4.42 -11.57 -9.84
C THR A 129 -3.32 -11.31 -8.80
N TYR A 130 -3.64 -11.45 -7.51
CA TYR A 130 -2.73 -11.23 -6.36
C TYR A 130 -2.29 -9.75 -6.34
N GLU A 131 -3.25 -8.85 -6.52
CA GLU A 131 -3.01 -7.39 -6.58
C GLU A 131 -3.88 -6.64 -5.57
N ILE A 132 -3.35 -5.53 -5.04
CA ILE A 132 -4.13 -4.47 -4.33
C ILE A 132 -4.81 -3.60 -5.39
N THR A 133 -6.12 -3.43 -5.30
CA THR A 133 -6.94 -2.71 -6.31
C THR A 133 -7.49 -1.38 -5.77
N GLY A 134 -7.49 -1.18 -4.46
CA GLY A 134 -8.05 0.05 -3.89
C GLY A 134 -8.00 0.07 -2.38
N TYR A 135 -8.69 1.07 -1.82
CA TYR A 135 -8.64 1.46 -0.40
C TYR A 135 -10.00 1.96 0.05
N ILE A 136 -10.39 1.60 1.27
CA ILE A 136 -11.58 2.16 1.97
C ILE A 136 -11.06 3.03 3.11
N GLU A 137 -11.36 4.33 3.06
CA GLU A 137 -10.90 5.27 4.10
C GLU A 137 -11.84 5.20 5.29
N CYS A 138 -11.30 4.93 6.47
CA CYS A 138 -12.08 4.95 7.74
C CYS A 138 -12.22 6.40 8.20
N PRO A 139 -13.43 6.85 8.60
CA PRO A 139 -13.59 8.21 9.10
C PRO A 139 -12.91 8.39 10.46
N ASP A 140 -12.47 9.61 10.78
CA ASP A 140 -11.91 10.00 12.10
C ASP A 140 -10.81 9.00 12.51
N MET A 141 -9.85 8.74 11.64
CA MET A 141 -8.80 7.74 11.91
C MET A 141 -7.53 8.16 11.16
N ASP A 142 -6.38 8.01 11.80
CA ASP A 142 -5.06 8.40 11.24
C ASP A 142 -4.19 7.15 11.16
N MET A 143 -2.97 7.30 10.65
CA MET A 143 -2.00 6.20 10.48
C MET A 143 -1.41 5.84 11.84
N GLU A 144 -1.06 6.86 12.63
CA GLU A 144 -0.31 6.75 13.91
C GLU A 144 -1.02 5.77 14.85
N SER A 145 -2.35 5.79 14.91
CA SER A 145 -3.16 4.96 15.85
C SER A 145 -4.27 4.20 15.12
N GLY A 146 -4.22 4.09 13.81
CA GLY A 146 -5.27 3.44 12.99
C GLY A 146 -5.41 1.96 13.31
N SER A 147 -6.63 1.41 13.21
CA SER A 147 -6.86 -0.04 13.42
C SER A 147 -8.22 -0.45 12.87
N THR A 148 -8.18 -1.41 11.95
CA THR A 148 -9.33 -2.24 11.52
C THR A 148 -8.91 -3.70 11.74
N GLU A 149 -9.86 -4.59 12.05
CA GLU A 149 -9.53 -5.92 12.60
C GLU A 149 -10.44 -6.98 11.98
N GLN A 150 -11.38 -7.55 12.73
CA GLN A 150 -12.19 -8.68 12.24
C GLN A 150 -13.41 -8.16 11.50
N MET A 151 -13.92 -8.99 10.60
CA MET A 151 -15.01 -8.61 9.68
C MET A 151 -16.10 -9.68 9.71
N VAL A 152 -17.35 -9.23 9.61
CA VAL A 152 -18.51 -10.14 9.34
C VAL A 152 -19.36 -9.51 8.23
N GLN A 153 -20.08 -10.36 7.51
CA GLN A 153 -20.97 -9.93 6.40
C GLN A 153 -22.41 -9.88 6.92
N TYR A 154 -23.17 -8.90 6.46
CA TYR A 154 -24.61 -8.78 6.70
C TYR A 154 -25.27 -8.23 5.42
N GLY A 155 -25.79 -9.12 4.58
CA GLY A 155 -26.26 -8.78 3.23
C GLY A 155 -25.17 -8.09 2.43
N LYS A 156 -25.42 -6.84 1.99
CA LYS A 156 -24.46 -6.07 1.16
C LYS A 156 -23.41 -5.36 2.04
N TYR A 157 -23.56 -5.42 3.36
CA TYR A 157 -22.70 -4.71 4.33
C TYR A 157 -21.63 -5.65 4.91
N VAL A 158 -20.44 -5.11 5.12
CA VAL A 158 -19.40 -5.73 5.99
C VAL A 158 -19.29 -4.86 7.26
N TYR A 159 -19.35 -5.49 8.43
CA TYR A 159 -19.08 -4.84 9.73
C TYR A 159 -17.67 -5.18 10.15
N VAL A 160 -16.94 -4.21 10.70
CA VAL A 160 -15.52 -4.38 11.08
C VAL A 160 -15.31 -3.73 12.45
N ASN A 161 -14.63 -4.44 13.37
CA ASN A 161 -14.22 -3.83 14.66
C ASN A 161 -12.90 -3.10 14.46
N CYS A 162 -12.78 -1.94 15.10
CA CYS A 162 -11.59 -1.09 15.17
C CYS A 162 -10.97 -1.29 16.55
N TRP A 163 -9.81 -1.91 16.60
CA TRP A 163 -9.26 -2.50 17.86
C TRP A 163 -8.28 -1.54 18.55
N SER A 164 -7.06 -1.45 18.04
CA SER A 164 -5.92 -0.78 18.70
C SER A 164 -6.16 0.73 18.73
N TYR A 165 -6.30 1.30 19.93
CA TYR A 165 -6.48 2.76 20.12
C TYR A 165 -7.73 3.23 19.36
N GLN A 166 -8.75 2.37 19.28
CA GLN A 166 -10.05 2.70 18.69
C GLN A 166 -11.17 2.15 19.56
N ASN A 167 -12.41 2.53 19.26
CA ASN A 167 -13.56 2.18 20.12
C ASN A 167 -14.84 2.08 19.28
N ARG A 168 -14.72 1.62 18.03
CA ARG A 168 -15.86 1.60 17.07
C ARG A 168 -16.01 0.27 16.34
N ILE A 169 -17.24 0.00 15.95
CA ILE A 169 -17.60 -0.91 14.82
C ILE A 169 -17.94 0.01 13.65
N LEU A 170 -17.40 -0.28 12.46
CA LEU A 170 -17.78 0.43 11.21
C LEU A 170 -18.71 -0.46 10.37
N LYS A 171 -19.58 0.17 9.59
CA LYS A 171 -20.47 -0.46 8.59
C LYS A 171 -19.98 -0.04 7.20
N ILE A 172 -19.62 -0.99 6.35
CA ILE A 172 -19.15 -0.75 4.96
C ILE A 172 -20.25 -1.21 4.00
N ASP A 173 -20.64 -0.36 3.06
CA ASP A 173 -21.47 -0.76 1.90
C ASP A 173 -20.50 -1.33 0.85
N THR A 174 -20.55 -2.66 0.60
CA THR A 174 -19.65 -3.37 -0.34
C THR A 174 -19.93 -2.97 -1.79
N GLU A 175 -21.10 -2.42 -2.09
CA GLU A 175 -21.51 -1.94 -3.44
C GLU A 175 -20.85 -0.60 -3.78
N THR A 176 -20.44 0.19 -2.79
CA THR A 176 -19.72 1.48 -3.00
C THR A 176 -18.32 1.44 -2.39
N ASP A 177 -17.97 0.41 -1.60
CA ASP A 177 -16.67 0.30 -0.88
C ASP A 177 -16.46 1.52 0.01
N LYS A 178 -17.50 1.95 0.74
CA LYS A 178 -17.39 3.11 1.66
C LYS A 178 -17.98 2.75 3.02
N VAL A 179 -17.37 3.27 4.07
CA VAL A 179 -17.94 3.28 5.44
C VAL A 179 -19.18 4.17 5.37
N VAL A 180 -20.35 3.65 5.75
CA VAL A 180 -21.66 4.37 5.69
C VAL A 180 -22.24 4.53 7.10
N ASP A 181 -21.65 3.91 8.13
CA ASP A 181 -22.09 4.13 9.52
C ASP A 181 -21.01 3.67 10.49
N GLU A 182 -21.13 4.08 11.74
CA GLU A 182 -20.20 3.64 12.80
C GLU A 182 -20.96 3.63 14.11
N LEU A 183 -20.47 2.84 15.05
CA LEU A 183 -21.04 2.72 16.41
C LEU A 183 -19.88 2.79 17.37
N THR A 184 -19.92 3.73 18.30
CA THR A 184 -18.91 3.88 19.36
C THR A 184 -19.34 3.02 20.55
N ILE A 185 -18.42 2.16 21.01
CA ILE A 185 -18.63 1.28 22.19
C ILE A 185 -17.42 1.44 23.11
N GLY A 186 -17.23 0.54 24.07
CA GLY A 186 -16.04 0.52 24.94
C GLY A 186 -14.74 0.44 24.14
N ILE A 187 -13.61 0.74 24.78
CA ILE A 187 -12.31 0.89 24.07
C ILE A 187 -11.83 -0.50 23.66
N GLN A 188 -11.31 -0.58 22.43
CA GLN A 188 -10.52 -1.72 21.88
C GLN A 188 -11.37 -2.99 21.82
N PRO A 189 -12.47 -2.97 21.04
CA PRO A 189 -13.13 -4.23 20.66
C PRO A 189 -12.12 -5.07 19.87
N THR A 190 -11.98 -6.34 20.22
CA THR A 190 -10.87 -7.23 19.78
C THR A 190 -11.23 -8.03 18.54
N SER A 191 -12.49 -8.44 18.45
CA SER A 191 -12.92 -9.56 17.59
C SER A 191 -14.40 -9.40 17.29
N LEU A 192 -14.89 -10.06 16.25
CA LEU A 192 -16.28 -9.85 15.77
C LEU A 192 -16.82 -11.16 15.19
N VAL A 193 -18.00 -11.55 15.63
CA VAL A 193 -18.71 -12.73 15.06
C VAL A 193 -20.17 -12.33 14.85
N MET A 194 -20.88 -13.07 14.00
CA MET A 194 -22.32 -12.84 13.70
C MET A 194 -23.09 -14.12 14.05
N ASP A 195 -24.01 -14.05 15.01
CA ASP A 195 -24.79 -15.24 15.44
C ASP A 195 -25.94 -15.46 14.45
N LYS A 196 -26.68 -16.56 14.63
CA LYS A 196 -27.68 -17.02 13.63
C LYS A 196 -28.89 -16.06 13.61
N TYR A 197 -29.00 -15.17 14.60
CA TYR A 197 -30.06 -14.15 14.68
C TYR A 197 -29.61 -12.85 14.00
N ASN A 198 -28.48 -12.88 13.28
CA ASN A 198 -27.89 -11.68 12.63
C ASN A 198 -27.62 -10.63 13.72
N LYS A 199 -27.13 -11.08 14.86
CA LYS A 199 -26.66 -10.23 15.96
C LYS A 199 -25.16 -10.47 16.12
N MET A 200 -24.40 -9.38 16.11
CA MET A 200 -22.93 -9.39 16.21
C MET A 200 -22.55 -9.50 17.69
N TRP A 201 -21.46 -10.21 17.95
CA TRP A 201 -20.80 -10.21 19.28
C TRP A 201 -19.39 -9.67 19.12
N THR A 202 -18.98 -8.81 20.06
CA THR A 202 -17.60 -8.30 20.15
C THR A 202 -17.26 -8.22 21.64
N ILE A 203 -16.00 -8.46 21.96
CA ILE A 203 -15.50 -8.31 23.35
C ILE A 203 -14.30 -7.37 23.32
N THR A 204 -14.27 -6.42 24.25
CA THR A 204 -13.16 -5.43 24.34
C THR A 204 -12.05 -5.99 25.24
N ASP A 205 -10.83 -5.48 25.09
CA ASP A 205 -9.68 -5.89 25.92
C ASP A 205 -9.49 -4.89 27.08
N GLY A 206 -10.21 -3.75 27.08
CA GLY A 206 -10.15 -2.78 28.19
C GLY A 206 -8.90 -1.94 28.17
N GLY A 207 -8.11 -2.00 27.10
CA GLY A 207 -6.81 -1.29 27.04
C GLY A 207 -5.83 -1.89 28.03
N TYR A 208 -4.91 -1.08 28.56
CA TYR A 208 -3.86 -1.58 29.47
C TYR A 208 -3.40 -0.43 30.37
N GLU A 209 -2.91 -0.77 31.55
CA GLU A 209 -2.47 0.21 32.58
C GLU A 209 -1.33 1.05 31.99
N GLY A 210 -1.48 2.37 32.03
CA GLY A 210 -0.50 3.32 31.47
C GLY A 210 -0.72 3.59 29.99
N SER A 211 -1.74 2.99 29.36
CA SER A 211 -2.07 3.25 27.94
C SER A 211 -2.28 4.76 27.74
N PRO A 212 -1.75 5.35 26.66
CA PRO A 212 -2.03 6.76 26.36
C PRO A 212 -3.48 6.97 25.91
N TYR A 213 -4.18 5.89 25.58
CA TYR A 213 -5.55 5.93 24.98
C TYR A 213 -6.60 5.67 26.06
N GLY A 214 -6.41 4.62 26.87
CA GLY A 214 -7.39 4.26 27.89
C GLY A 214 -7.16 2.92 28.51
N TYR A 215 -7.71 2.78 29.72
CA TYR A 215 -7.66 1.58 30.58
C TYR A 215 -8.96 1.54 31.36
N GLU A 216 -9.81 0.55 31.10
CA GLU A 216 -11.17 0.49 31.70
C GLU A 216 -11.63 -0.96 31.80
N ALA A 217 -12.65 -1.20 32.61
CA ALA A 217 -13.34 -2.51 32.69
C ALA A 217 -13.82 -2.85 31.27
N PRO A 218 -13.46 -4.04 30.74
CA PRO A 218 -13.89 -4.43 29.41
C PRO A 218 -15.29 -5.03 29.43
N SER A 219 -15.89 -5.15 28.25
CA SER A 219 -17.28 -5.63 28.07
C SER A 219 -17.39 -6.56 26.87
N LEU A 220 -18.34 -7.49 26.98
CA LEU A 220 -18.90 -8.29 25.86
C LEU A 220 -20.19 -7.60 25.42
N TYR A 221 -20.35 -7.39 24.12
CA TYR A 221 -21.54 -6.71 23.55
C TYR A 221 -22.22 -7.61 22.52
N ARG A 222 -23.55 -7.57 22.53
CA ARG A 222 -24.39 -8.10 21.44
C ARG A 222 -24.99 -6.89 20.72
N ILE A 223 -24.75 -6.80 19.42
CA ILE A 223 -25.09 -5.63 18.56
C ILE A 223 -25.98 -6.13 17.43
N ASP A 224 -27.22 -5.64 17.35
CA ASP A 224 -28.13 -6.06 16.26
C ASP A 224 -27.55 -5.55 14.93
N ALA A 225 -27.46 -6.40 13.91
CA ALA A 225 -26.89 -6.00 12.59
C ALA A 225 -27.87 -5.09 11.85
N GLU A 226 -29.17 -5.37 11.90
CA GLU A 226 -30.20 -4.58 11.16
C GLU A 226 -30.21 -3.14 11.68
N THR A 227 -30.35 -2.95 13.01
CA THR A 227 -30.47 -1.61 13.64
C THR A 227 -29.09 -1.06 14.04
N PHE A 228 -28.03 -1.87 13.96
CA PHE A 228 -26.65 -1.49 14.31
C PHE A 228 -26.64 -0.80 15.69
N THR A 229 -27.22 -1.47 16.68
CA THR A 229 -27.41 -0.97 18.06
C THR A 229 -27.03 -2.07 19.05
N VAL A 230 -26.38 -1.69 20.16
CA VAL A 230 -26.13 -2.62 21.31
C VAL A 230 -27.47 -3.06 21.91
N GLU A 231 -27.67 -4.37 22.06
CA GLU A 231 -28.87 -4.98 22.70
C GLU A 231 -28.52 -5.56 24.06
N LYS A 232 -27.29 -6.04 24.23
CA LYS A 232 -26.82 -6.60 25.52
C LYS A 232 -25.37 -6.16 25.72
N GLN A 233 -25.01 -5.92 26.98
CA GLN A 233 -23.62 -5.62 27.40
C GLN A 233 -23.40 -6.34 28.72
N PHE A 234 -22.28 -7.06 28.82
CA PHE A 234 -21.79 -7.74 30.03
C PHE A 234 -20.44 -7.13 30.35
N LYS A 235 -20.38 -6.34 31.43
CA LYS A 235 -19.14 -5.64 31.87
C LYS A 235 -18.37 -6.53 32.86
N PHE A 236 -17.06 -6.64 32.64
CA PHE A 236 -16.16 -7.48 33.49
C PHE A 236 -15.36 -6.56 34.40
N LYS A 237 -14.15 -6.95 34.78
CA LYS A 237 -13.37 -6.32 35.88
C LYS A 237 -12.19 -5.56 35.29
N LEU A 238 -11.92 -4.34 35.78
CA LEU A 238 -10.66 -3.63 35.44
C LEU A 238 -9.50 -4.60 35.66
N GLY A 239 -8.61 -4.72 34.67
CA GLY A 239 -7.44 -5.60 34.71
C GLY A 239 -7.67 -6.86 33.91
N ASP A 240 -8.93 -7.27 33.71
CA ASP A 240 -9.28 -8.30 32.71
C ASP A 240 -8.80 -7.80 31.34
N TRP A 241 -8.32 -8.70 30.51
CA TRP A 241 -7.78 -8.39 29.17
C TRP A 241 -8.36 -9.41 28.19
N PRO A 242 -9.70 -9.39 27.97
CA PRO A 242 -10.38 -10.41 27.19
C PRO A 242 -10.09 -10.37 25.68
N SER A 243 -10.51 -11.42 24.99
CA SER A 243 -10.29 -11.56 23.53
C SER A 243 -11.17 -12.65 22.94
N GLU A 244 -11.24 -12.64 21.62
CA GLU A 244 -11.53 -13.78 20.74
C GLU A 244 -12.91 -14.34 21.01
N VAL A 245 -13.95 -13.58 20.69
CA VAL A 245 -15.31 -14.17 20.52
C VAL A 245 -15.23 -15.21 19.39
N GLN A 246 -15.93 -16.31 19.59
CA GLN A 246 -15.95 -17.48 18.69
C GLN A 246 -17.32 -18.13 18.82
N LEU A 247 -17.90 -18.57 17.70
CA LEU A 247 -19.20 -19.25 17.71
C LEU A 247 -19.03 -20.72 17.33
N ASN A 248 -19.98 -21.54 17.79
CA ASN A 248 -20.19 -22.91 17.26
C ASN A 248 -20.82 -22.81 15.86
N GLY A 249 -21.00 -23.96 15.22
CA GLY A 249 -21.31 -24.03 13.79
C GLY A 249 -22.72 -23.57 13.49
N THR A 250 -23.63 -23.77 14.45
CA THR A 250 -25.04 -23.37 14.37
C THR A 250 -25.16 -21.90 14.80
N ARG A 251 -24.07 -21.31 15.29
CA ARG A 251 -24.00 -19.86 15.63
C ARG A 251 -25.05 -19.54 16.71
N ASP A 252 -25.22 -20.41 17.70
CA ASP A 252 -26.13 -20.17 18.84
C ASP A 252 -25.40 -20.31 20.17
N THR A 253 -24.09 -20.63 20.15
CA THR A 253 -23.29 -20.75 21.39
C THR A 253 -22.01 -19.95 21.21
N LEU A 254 -21.77 -19.02 22.13
CA LEU A 254 -20.61 -18.10 22.10
C LEU A 254 -19.55 -18.56 23.09
N TYR A 255 -18.31 -18.48 22.68
CA TYR A 255 -17.12 -18.69 23.54
C TYR A 255 -16.24 -17.44 23.46
N TRP A 256 -15.45 -17.21 24.49
CA TRP A 256 -14.44 -16.14 24.51
C TRP A 256 -13.39 -16.44 25.58
N ILE A 257 -12.32 -15.66 25.54
CA ILE A 257 -11.20 -15.76 26.51
C ILE A 257 -11.32 -14.59 27.47
N ASN A 258 -11.34 -14.90 28.76
CA ASN A 258 -11.15 -13.89 29.82
C ASN A 258 -10.55 -14.59 31.03
N ASN A 259 -9.22 -14.79 30.98
CA ASN A 259 -8.45 -15.65 31.91
C ASN A 259 -8.88 -17.11 31.66
N ASP A 260 -10.12 -17.41 32.02
CA ASP A 260 -10.81 -18.68 31.73
C ASP A 260 -11.30 -18.67 30.28
N ILE A 261 -11.72 -19.82 29.78
CA ILE A 261 -12.55 -19.93 28.56
C ILE A 261 -14.02 -19.96 29.02
N TRP A 262 -14.80 -19.02 28.49
CA TRP A 262 -16.23 -18.83 28.83
C TRP A 262 -17.09 -19.33 27.68
N ARG A 263 -18.27 -19.82 28.02
CA ARG A 263 -19.29 -20.36 27.10
C ARG A 263 -20.66 -19.79 27.54
N MET A 264 -21.42 -19.29 26.58
CA MET A 264 -22.77 -18.73 26.85
C MET A 264 -23.65 -18.95 25.63
N PRO A 265 -24.88 -19.46 25.80
CA PRO A 265 -25.86 -19.42 24.73
C PRO A 265 -26.11 -17.96 24.33
N VAL A 266 -26.31 -17.69 23.04
CA VAL A 266 -26.39 -16.30 22.51
C VAL A 266 -27.68 -15.63 23.01
N GLU A 267 -28.71 -16.41 23.39
CA GLU A 267 -29.99 -15.84 23.91
C GLU A 267 -29.95 -15.66 25.43
N ALA A 268 -28.86 -16.01 26.12
CA ALA A 268 -28.79 -15.90 27.60
C ALA A 268 -28.80 -14.44 28.04
N ASP A 269 -29.34 -14.19 29.23
CA ASP A 269 -29.41 -12.84 29.85
C ASP A 269 -28.25 -12.63 30.82
N ARG A 270 -27.53 -13.71 31.17
CA ARG A 270 -26.41 -13.70 32.16
C ARG A 270 -25.26 -14.59 31.68
N VAL A 271 -24.02 -14.17 31.92
CA VAL A 271 -22.84 -15.07 31.75
C VAL A 271 -22.97 -16.15 32.81
N PRO A 272 -22.82 -17.45 32.46
CA PRO A 272 -22.77 -18.51 33.47
C PRO A 272 -21.71 -18.21 34.55
N VAL A 273 -21.97 -18.66 35.78
CA VAL A 273 -21.03 -18.52 36.92
C VAL A 273 -19.76 -19.31 36.60
N ARG A 274 -19.91 -20.50 36.02
CA ARG A 274 -18.84 -21.50 35.81
C ARG A 274 -18.30 -21.30 34.40
N PRO A 275 -16.96 -21.19 34.22
CA PRO A 275 -16.38 -21.15 32.88
C PRO A 275 -16.36 -22.53 32.24
N PHE A 276 -16.20 -22.58 30.92
CA PHE A 276 -16.03 -23.83 30.15
C PHE A 276 -14.71 -24.51 30.52
N LEU A 277 -13.64 -23.71 30.62
CA LEU A 277 -12.29 -24.21 31.02
C LEU A 277 -11.70 -23.22 32.00
N GLU A 278 -11.32 -23.69 33.19
CA GLU A 278 -10.87 -22.81 34.28
C GLU A 278 -9.47 -22.29 33.95
N PHE A 279 -9.21 -21.01 34.24
CA PHE A 279 -7.87 -20.38 34.29
C PHE A 279 -6.91 -21.28 35.08
N ARG A 280 -5.68 -21.43 34.61
CA ARG A 280 -4.65 -22.26 35.31
C ARG A 280 -3.30 -21.54 35.35
N ASP A 281 -3.30 -20.20 35.46
CA ASP A 281 -2.07 -19.36 35.56
C ASP A 281 -1.17 -19.60 34.34
N THR A 282 -1.77 -19.79 33.16
CA THR A 282 -1.05 -19.80 31.86
C THR A 282 -1.63 -18.66 31.02
N LYS A 283 -1.68 -18.80 29.70
CA LYS A 283 -2.07 -17.70 28.78
C LYS A 283 -2.95 -18.26 27.66
N TYR A 284 -4.19 -18.63 27.98
CA TYR A 284 -5.14 -18.99 26.90
C TYR A 284 -5.18 -17.81 25.93
N TYR A 285 -5.00 -18.06 24.64
CA TYR A 285 -4.68 -16.99 23.66
C TYR A 285 -5.42 -17.19 22.34
N GLY A 286 -5.59 -18.43 21.88
CA GLY A 286 -6.33 -18.76 20.65
C GLY A 286 -7.51 -19.66 20.97
N LEU A 287 -8.56 -19.60 20.14
CA LEU A 287 -9.82 -20.33 20.43
C LEU A 287 -10.55 -20.62 19.13
N THR A 288 -11.12 -21.82 19.00
CA THR A 288 -12.02 -22.18 17.89
C THR A 288 -12.97 -23.29 18.35
N VAL A 289 -14.08 -23.38 17.63
CA VAL A 289 -15.08 -24.45 17.79
C VAL A 289 -15.18 -25.16 16.45
N ASN A 290 -15.04 -26.47 16.48
CA ASN A 290 -15.23 -27.28 15.26
C ASN A 290 -16.65 -27.00 14.79
N PRO A 291 -16.82 -26.47 13.56
CA PRO A 291 -18.14 -26.08 13.06
C PRO A 291 -19.10 -27.26 12.84
N ASN A 292 -18.58 -28.47 12.74
CA ASN A 292 -19.39 -29.69 12.47
C ASN A 292 -19.79 -30.41 13.76
N ASN A 293 -18.91 -30.51 14.77
CA ASN A 293 -19.16 -31.42 15.91
C ASN A 293 -19.08 -30.71 17.27
N GLY A 294 -18.81 -29.39 17.29
CA GLY A 294 -18.87 -28.57 18.51
C GLY A 294 -17.65 -28.75 19.41
N GLU A 295 -16.64 -29.52 18.99
CA GLU A 295 -15.41 -29.71 19.80
C GLU A 295 -14.68 -28.35 19.90
N VAL A 296 -14.17 -28.04 21.08
CA VAL A 296 -13.57 -26.71 21.40
C VAL A 296 -12.07 -26.87 21.51
N TYR A 297 -11.33 -26.04 20.80
CA TYR A 297 -9.84 -26.03 20.83
C TYR A 297 -9.36 -24.72 21.46
N VAL A 298 -8.50 -24.87 22.46
CA VAL A 298 -7.91 -23.75 23.22
C VAL A 298 -6.40 -23.75 22.94
N ALA A 299 -5.89 -22.68 22.32
CA ALA A 299 -4.43 -22.50 22.12
C ALA A 299 -3.89 -21.74 23.33
N ASP A 300 -3.01 -22.39 24.10
CA ASP A 300 -2.39 -21.82 25.32
C ASP A 300 -0.98 -21.36 24.95
N ALA A 301 -0.70 -20.06 25.02
CA ALA A 301 0.64 -19.48 24.75
C ALA A 301 1.60 -19.78 25.91
N ILE A 302 1.05 -20.24 27.04
CA ILE A 302 1.76 -20.67 28.28
C ILE A 302 2.42 -19.45 28.95
N ASP A 303 3.50 -18.95 28.37
CA ASP A 303 4.29 -17.80 28.92
C ASP A 303 4.76 -16.87 27.78
N TYR A 304 4.25 -17.06 26.56
CA TYR A 304 4.60 -16.29 25.34
C TYR A 304 6.03 -16.57 24.87
N GLN A 305 6.73 -17.55 25.44
CA GLN A 305 8.16 -17.81 25.15
C GLN A 305 8.34 -19.24 24.64
N GLN A 306 7.89 -20.22 25.42
CA GLN A 306 8.04 -21.66 25.07
C GLN A 306 7.02 -22.04 23.99
N GLN A 307 7.15 -23.24 23.42
CA GLN A 307 6.17 -23.80 22.48
C GLN A 307 4.78 -23.79 23.15
N GLY A 308 3.78 -23.36 22.41
CA GLY A 308 2.38 -23.36 22.87
C GLY A 308 1.79 -24.76 22.90
N ILE A 309 0.69 -24.93 23.61
CA ILE A 309 -0.06 -26.22 23.68
C ILE A 309 -1.51 -25.95 23.29
N VAL A 310 -2.06 -26.80 22.43
CA VAL A 310 -3.51 -26.78 22.08
C VAL A 310 -4.18 -27.93 22.83
N TYR A 311 -5.28 -27.62 23.50
CA TYR A 311 -6.15 -28.57 24.22
C TYR A 311 -7.44 -28.71 23.41
N ARG A 312 -7.83 -29.94 23.11
CA ARG A 312 -9.03 -30.28 22.33
C ARG A 312 -10.08 -30.88 23.28
N TYR A 313 -11.25 -30.26 23.37
CA TYR A 313 -12.32 -30.63 24.33
C TYR A 313 -13.59 -31.04 23.58
N SER A 314 -14.33 -31.96 24.17
CA SER A 314 -15.72 -32.29 23.74
C SER A 314 -16.58 -31.05 23.96
N PRO A 315 -17.74 -30.95 23.30
CA PRO A 315 -18.66 -29.84 23.54
C PRO A 315 -19.12 -29.76 25.01
N GLN A 316 -18.96 -30.84 25.77
CA GLN A 316 -19.28 -30.90 27.22
C GLN A 316 -18.08 -30.54 28.09
N GLY A 317 -16.92 -30.23 27.49
CA GLY A 317 -15.72 -29.78 28.22
C GLY A 317 -14.85 -30.91 28.72
N LYS A 318 -14.96 -32.11 28.16
CA LYS A 318 -14.10 -33.27 28.48
C LYS A 318 -12.86 -33.25 27.58
N LEU A 319 -11.65 -33.33 28.15
CA LEU A 319 -10.43 -33.31 27.33
C LEU A 319 -10.40 -34.54 26.41
N ILE A 320 -10.10 -34.32 25.14
CA ILE A 320 -9.93 -35.37 24.10
C ILE A 320 -8.45 -35.55 23.77
N ASP A 321 -7.74 -34.46 23.56
CA ASP A 321 -6.34 -34.51 23.05
C ASP A 321 -5.59 -33.24 23.43
N GLU A 322 -4.26 -33.29 23.39
CA GLU A 322 -3.41 -32.10 23.59
C GLU A 322 -2.15 -32.32 22.76
N PHE A 323 -1.66 -31.25 22.16
CA PHE A 323 -0.51 -31.31 21.24
C PHE A 323 0.21 -29.96 21.23
N TYR A 324 1.51 -30.01 21.00
CA TYR A 324 2.38 -28.81 20.89
C TYR A 324 2.22 -28.18 19.52
N VAL A 325 2.27 -26.86 19.51
CA VAL A 325 2.27 -26.06 18.28
C VAL A 325 3.51 -25.16 18.34
N GLY A 326 3.46 -23.99 17.70
CA GLY A 326 4.58 -23.04 17.71
C GLY A 326 4.45 -22.04 18.85
N ILE A 327 5.13 -20.92 18.73
CA ILE A 327 5.20 -19.90 19.81
C ILE A 327 4.03 -18.92 19.61
N ILE A 328 3.28 -18.66 20.68
CA ILE A 328 2.08 -17.76 20.69
C ILE A 328 1.13 -18.17 19.58
N PRO A 329 0.56 -19.40 19.67
CA PRO A 329 -0.52 -19.80 18.76
C PRO A 329 -1.74 -18.89 18.99
N GLY A 330 -2.18 -18.20 17.94
CA GLY A 330 -3.18 -17.13 18.06
C GLY A 330 -4.49 -17.44 17.36
N ALA A 331 -4.49 -18.31 16.35
CA ALA A 331 -5.71 -18.47 15.51
C ALA A 331 -5.74 -19.85 14.86
N PHE A 332 -6.95 -20.24 14.48
CA PHE A 332 -7.23 -21.54 13.86
C PHE A 332 -7.89 -21.30 12.53
N CYS A 333 -7.71 -22.23 11.61
CA CYS A 333 -8.49 -22.24 10.36
C CYS A 333 -8.86 -23.69 10.02
N TRP A 334 -10.16 -23.95 9.95
CA TRP A 334 -10.74 -25.29 9.66
C TRP A 334 -10.61 -25.62 8.19
N LYS A 335 -10.13 -26.83 7.91
CA LYS A 335 -10.13 -27.45 6.58
C LYS A 335 -11.14 -28.59 6.64
N LEU A 336 -12.34 -28.38 6.12
CA LEU A 336 -13.44 -29.38 6.20
C LEU A 336 -13.86 -29.76 4.80
N GLU A 337 -14.00 -31.06 4.57
CA GLU A 337 -14.46 -31.63 3.28
C GLU A 337 -15.94 -31.27 3.12
N HIS A 338 -16.71 -31.35 4.22
CA HIS A 338 -18.17 -31.05 4.23
C HIS A 338 -18.49 -30.12 5.39
N HIS A 339 -19.37 -29.14 5.18
CA HIS A 339 -19.98 -28.36 6.28
C HIS A 339 -21.38 -28.92 6.53
N HIS A 340 -21.68 -29.33 7.75
CA HIS A 340 -23.03 -29.78 8.17
C HIS A 340 -24.01 -28.59 8.21
N HIS A 341 -23.49 -27.36 8.37
CA HIS A 341 -24.30 -26.12 8.46
C HIS A 341 -24.33 -25.37 7.13
N HIS A 342 -25.27 -24.42 7.01
CA HIS A 342 -25.67 -23.73 5.76
C HIS A 342 -25.34 -22.24 5.86
N MET B 9 -5.58 -6.19 -30.19
CA MET B 9 -4.14 -6.00 -29.82
C MET B 9 -3.29 -5.98 -31.10
N GLU B 10 -2.32 -5.06 -31.18
CA GLU B 10 -1.36 -5.01 -32.32
C GLU B 10 0.09 -5.19 -31.85
N ASP B 11 0.88 -5.75 -32.76
CA ASP B 11 2.32 -6.07 -32.56
C ASP B 11 3.14 -4.85 -32.95
N PHE B 12 4.02 -4.44 -32.04
CA PHE B 12 5.02 -3.36 -32.24
C PHE B 12 6.41 -3.98 -32.12
N SER B 13 7.34 -3.49 -32.94
CA SER B 13 8.79 -3.75 -32.81
C SER B 13 9.52 -2.49 -33.28
N VAL B 14 9.68 -1.52 -32.37
CA VAL B 14 10.04 -0.13 -32.75
C VAL B 14 11.57 0.02 -32.67
N SER B 15 12.04 1.20 -33.06
CA SER B 15 13.44 1.66 -33.15
C SER B 15 14.18 1.43 -31.82
N ALA B 16 15.47 1.12 -31.89
CA ALA B 16 16.37 1.04 -30.71
C ALA B 16 16.46 2.41 -30.03
N SER B 17 16.33 3.49 -30.79
CA SER B 17 16.40 4.88 -30.28
C SER B 17 15.04 5.58 -30.46
N GLY B 18 14.49 6.11 -29.38
CA GLY B 18 13.19 6.80 -29.45
C GLY B 18 12.88 7.60 -28.22
N LEU B 19 11.64 8.04 -28.12
CA LEU B 19 11.18 8.98 -27.08
C LEU B 19 9.77 8.59 -26.68
N PHE B 20 9.57 8.30 -25.40
CA PHE B 20 8.23 8.08 -24.82
C PHE B 20 7.71 9.42 -24.32
N ILE B 21 6.43 9.70 -24.56
CA ILE B 21 5.68 10.83 -23.97
C ILE B 21 4.52 10.23 -23.17
N THR B 22 4.48 10.46 -21.86
CA THR B 22 3.31 10.12 -21.01
C THR B 22 2.29 11.25 -21.13
N ASN B 23 1.02 10.87 -21.20
CA ASN B 23 -0.14 11.79 -21.29
C ASN B 23 -0.99 11.54 -20.05
N GLU B 24 -1.09 12.55 -19.20
CA GLU B 24 -1.81 12.47 -17.91
C GLU B 24 -3.28 12.17 -18.18
N GLY B 25 -3.79 12.61 -19.33
CA GLY B 25 -5.23 12.70 -19.59
C GLY B 25 -5.88 13.64 -18.59
N ASN B 26 -7.19 13.58 -18.49
CA ASN B 26 -8.00 14.43 -17.57
C ASN B 26 -8.15 13.68 -16.24
N PHE B 27 -7.63 14.26 -15.17
CA PHE B 27 -7.74 13.72 -13.79
C PHE B 27 -9.20 13.31 -13.53
N GLN B 28 -9.40 12.05 -13.15
CA GLN B 28 -10.70 11.39 -12.79
C GLN B 28 -11.53 11.03 -14.02
N TYR B 29 -10.96 11.06 -15.23
CA TYR B 29 -11.61 10.58 -16.48
C TYR B 29 -10.91 9.35 -17.08
N SER B 30 -9.77 8.90 -16.53
CA SER B 30 -9.09 7.63 -16.92
C SER B 30 -8.85 7.57 -18.44
N ASN B 31 -8.23 8.62 -19.01
CA ASN B 31 -7.92 8.69 -20.46
C ASN B 31 -6.43 8.97 -20.65
N ALA B 32 -5.60 8.57 -19.69
CA ALA B 32 -4.13 8.64 -19.78
C ALA B 32 -3.67 7.72 -20.90
N THR B 33 -2.65 8.12 -21.66
CA THR B 33 -2.11 7.31 -22.76
C THR B 33 -0.60 7.47 -22.83
N LEU B 34 0.03 6.56 -23.57
CA LEU B 34 1.48 6.57 -23.85
C LEU B 34 1.69 6.83 -25.34
N SER B 35 2.59 7.76 -25.66
CA SER B 35 3.03 8.06 -27.04
C SER B 35 4.47 7.60 -27.20
N TYR B 36 4.82 7.17 -28.41
CA TYR B 36 6.19 6.82 -28.79
C TYR B 36 6.56 7.57 -30.07
N TYR B 37 7.64 8.36 -30.01
CA TYR B 37 8.14 9.16 -31.13
C TYR B 37 9.50 8.64 -31.56
N ASP B 38 9.70 8.52 -32.86
CA ASP B 38 10.97 8.12 -33.51
C ASP B 38 11.60 9.36 -34.10
N PRO B 39 12.64 9.95 -33.46
CA PRO B 39 13.23 11.19 -33.97
C PRO B 39 13.88 11.01 -35.35
N ALA B 40 14.25 9.78 -35.72
CA ALA B 40 14.89 9.52 -37.03
C ALA B 40 13.82 9.62 -38.13
N THR B 41 12.64 9.05 -37.92
CA THR B 41 11.57 9.00 -38.95
C THR B 41 10.58 10.16 -38.76
N CYS B 42 10.64 10.83 -37.61
CA CYS B 42 9.73 11.94 -37.21
C CYS B 42 8.28 11.45 -37.16
N GLU B 43 8.08 10.16 -36.94
CA GLU B 43 6.73 9.56 -36.78
C GLU B 43 6.40 9.42 -35.29
N VAL B 44 5.18 9.81 -34.90
CA VAL B 44 4.61 9.51 -33.56
C VAL B 44 3.62 8.36 -33.69
N GLU B 45 3.56 7.53 -32.65
CA GLU B 45 2.53 6.50 -32.41
C GLU B 45 1.85 6.86 -31.09
N ASN B 46 0.53 6.95 -31.09
CA ASN B 46 -0.29 7.36 -29.93
C ASN B 46 -1.07 6.15 -29.40
N GLU B 47 -1.42 6.18 -28.10
CA GLU B 47 -2.17 5.13 -27.37
C GLU B 47 -1.47 3.77 -27.52
N VAL B 48 -0.13 3.71 -27.45
CA VAL B 48 0.63 2.48 -27.78
C VAL B 48 0.48 1.44 -26.66
N PHE B 49 0.25 1.84 -25.40
CA PHE B 49 0.08 0.88 -24.29
C PHE B 49 -1.22 0.12 -24.51
N TYR B 50 -2.31 0.83 -24.79
CA TYR B 50 -3.63 0.22 -25.05
C TYR B 50 -3.53 -0.68 -26.29
N ARG B 51 -2.94 -0.13 -27.36
CA ARG B 51 -2.85 -0.83 -28.67
C ARG B 51 -2.09 -2.14 -28.50
N ALA B 52 -1.05 -2.17 -27.67
CA ALA B 52 -0.16 -3.34 -27.49
C ALA B 52 -0.79 -4.35 -26.52
N ASN B 53 -1.48 -3.89 -25.48
CA ASN B 53 -1.86 -4.73 -24.31
C ASN B 53 -3.36 -4.99 -24.24
N GLY B 54 -4.17 -4.16 -24.91
CA GLY B 54 -5.64 -4.36 -24.97
C GLY B 54 -6.35 -3.88 -23.70
N PHE B 55 -5.67 -3.11 -22.86
CA PHE B 55 -6.31 -2.40 -21.72
C PHE B 55 -5.60 -1.07 -21.52
N LYS B 56 -6.27 -0.13 -20.85
CA LYS B 56 -5.82 1.27 -20.69
C LYS B 56 -4.79 1.37 -19.57
N LEU B 57 -3.96 2.40 -19.61
CA LEU B 57 -3.03 2.77 -18.51
C LEU B 57 -3.83 3.07 -17.26
N GLY B 58 -4.89 3.87 -17.40
CA GLY B 58 -5.70 4.35 -16.27
C GLY B 58 -5.76 5.86 -16.22
N ASP B 59 -5.47 6.43 -15.05
CA ASP B 59 -5.71 7.86 -14.78
C ASP B 59 -4.42 8.52 -14.30
N VAL B 60 -3.97 9.53 -15.04
CA VAL B 60 -2.79 10.41 -14.74
C VAL B 60 -1.50 9.59 -14.83
N ALA B 61 -1.11 9.19 -16.04
CA ALA B 61 0.25 8.73 -16.32
C ALA B 61 1.18 9.92 -16.01
N GLN B 62 2.02 9.78 -14.99
CA GLN B 62 2.77 10.90 -14.39
C GLN B 62 4.20 10.97 -14.93
N SER B 63 4.85 9.81 -15.09
CA SER B 63 6.30 9.76 -15.33
C SER B 63 6.72 8.35 -15.77
N MET B 64 7.94 8.25 -16.25
CA MET B 64 8.44 6.99 -16.82
C MET B 64 9.95 6.98 -16.73
N VAL B 65 10.50 5.81 -16.42
CA VAL B 65 11.97 5.56 -16.32
C VAL B 65 12.27 4.29 -17.11
N ILE B 66 13.35 4.30 -17.89
CA ILE B 66 13.83 3.11 -18.64
C ILE B 66 15.12 2.63 -17.97
N ARG B 67 15.16 1.33 -17.68
CA ARG B 67 16.33 0.65 -17.08
C ARG B 67 16.41 -0.77 -17.63
N ASP B 68 17.57 -1.11 -18.20
CA ASP B 68 17.90 -2.52 -18.58
C ASP B 68 16.80 -3.06 -19.51
N GLY B 69 16.37 -2.26 -20.50
CA GLY B 69 15.40 -2.66 -21.53
C GLY B 69 13.94 -2.69 -21.07
N ILE B 70 13.64 -2.17 -19.87
CA ILE B 70 12.26 -2.16 -19.30
C ILE B 70 11.86 -0.72 -19.00
N GLY B 71 10.64 -0.35 -19.41
CA GLY B 71 10.02 0.96 -19.16
C GLY B 71 9.07 0.89 -17.99
N TRP B 72 9.31 1.73 -16.98
CA TRP B 72 8.51 1.78 -15.74
C TRP B 72 7.63 3.02 -15.83
N ILE B 73 6.33 2.82 -16.01
CA ILE B 73 5.33 3.90 -16.20
C ILE B 73 4.51 4.07 -14.91
N VAL B 74 4.63 5.24 -14.29
CA VAL B 74 3.89 5.58 -13.04
C VAL B 74 2.48 6.04 -13.43
N VAL B 75 1.44 5.32 -13.00
CA VAL B 75 0.03 5.76 -13.22
C VAL B 75 -0.50 6.24 -11.87
N ASN B 76 -0.35 7.55 -11.67
CA ASN B 76 -0.55 8.25 -10.39
C ASN B 76 -1.91 7.89 -9.78
N ASN B 77 -3.01 8.04 -10.51
CA ASN B 77 -4.36 7.91 -9.91
C ASN B 77 -4.94 6.51 -10.13
N SER B 78 -4.10 5.51 -10.45
CA SER B 78 -4.50 4.08 -10.61
C SER B 78 -3.68 3.16 -9.69
N HIS B 79 -2.93 3.72 -8.75
CA HIS B 79 -2.24 2.95 -7.67
C HIS B 79 -1.24 1.94 -8.25
N VAL B 80 -0.69 2.18 -9.45
CA VAL B 80 0.11 1.13 -10.14
C VAL B 80 1.30 1.76 -10.86
N ILE B 81 2.39 1.01 -10.96
CA ILE B 81 3.46 1.22 -11.98
C ILE B 81 3.44 0.02 -12.92
N PHE B 82 3.33 0.25 -14.24
CA PHE B 82 3.47 -0.82 -15.26
C PHE B 82 4.93 -0.90 -15.74
N ALA B 83 5.46 -2.12 -15.81
CA ALA B 83 6.75 -2.44 -16.46
C ALA B 83 6.47 -2.98 -17.87
N ILE B 84 7.07 -2.35 -18.89
CA ILE B 84 6.82 -2.73 -20.30
C ILE B 84 8.15 -3.00 -21.01
N ASP B 85 8.09 -3.91 -21.96
CA ASP B 85 9.17 -4.10 -22.96
C ASP B 85 9.22 -2.80 -23.77
N ILE B 86 10.39 -2.16 -23.87
CA ILE B 86 10.54 -0.83 -24.53
C ILE B 86 10.49 -0.97 -26.07
N ASN B 87 10.48 -2.19 -26.63
CA ASN B 87 10.41 -2.42 -28.10
C ASN B 87 9.00 -2.85 -28.53
N THR B 88 8.29 -3.63 -27.71
CA THR B 88 6.95 -4.20 -28.05
C THR B 88 5.85 -3.47 -27.30
N PHE B 89 6.17 -2.79 -26.19
CA PHE B 89 5.24 -2.05 -25.30
C PHE B 89 4.35 -3.03 -24.51
N LYS B 90 4.63 -4.33 -24.57
CA LYS B 90 3.89 -5.37 -23.82
C LYS B 90 4.30 -5.29 -22.34
N GLU B 91 3.33 -5.39 -21.42
CA GLU B 91 3.58 -5.47 -19.96
C GLU B 91 4.44 -6.72 -19.67
N VAL B 92 5.49 -6.58 -18.87
CA VAL B 92 6.31 -7.73 -18.37
C VAL B 92 6.06 -7.88 -16.86
N GLY B 93 5.41 -6.89 -16.24
CA GLY B 93 4.99 -6.94 -14.83
C GLY B 93 4.36 -5.62 -14.37
N ARG B 94 3.89 -5.58 -13.13
CA ARG B 94 3.32 -4.36 -12.52
C ARG B 94 3.55 -4.43 -11.01
N ILE B 95 3.55 -3.28 -10.35
CA ILE B 95 3.52 -3.19 -8.86
C ILE B 95 2.27 -2.41 -8.49
N THR B 96 1.43 -2.98 -7.63
CA THR B 96 0.15 -2.38 -7.17
C THR B 96 0.29 -2.07 -5.68
N GLY B 97 -0.57 -1.19 -5.17
CA GLY B 97 -0.63 -0.86 -3.74
C GLY B 97 -0.07 0.52 -3.44
N PHE B 98 0.38 1.26 -4.45
CA PHE B 98 0.84 2.66 -4.27
C PHE B 98 -0.38 3.50 -3.87
N THR B 99 -0.23 4.39 -2.90
CA THR B 99 -1.30 5.36 -2.55
C THR B 99 -1.63 6.21 -3.78
N SER B 100 -0.63 6.89 -4.33
CA SER B 100 -0.77 7.87 -5.43
C SER B 100 0.63 8.17 -5.94
N PRO B 101 1.24 7.23 -6.69
CA PRO B 101 2.66 7.31 -6.98
C PRO B 101 2.99 8.46 -7.96
N ARG B 102 4.24 8.90 -7.91
CA ARG B 102 4.75 10.11 -8.61
C ARG B 102 5.97 9.75 -9.47
N TYR B 103 7.13 9.45 -8.84
CA TYR B 103 8.42 9.23 -9.54
C TYR B 103 9.12 8.00 -8.97
N ILE B 104 9.90 7.33 -9.82
CA ILE B 104 10.72 6.14 -9.47
C ILE B 104 12.19 6.52 -9.58
N HIS B 105 12.96 6.14 -8.56
CA HIS B 105 14.42 6.33 -8.51
C HIS B 105 15.08 5.00 -8.15
N PHE B 106 15.85 4.42 -9.06
CA PHE B 106 16.53 3.12 -8.84
C PHE B 106 17.83 3.33 -8.05
N LEU B 107 18.04 2.51 -7.01
CA LEU B 107 19.33 2.44 -6.26
C LEU B 107 20.10 1.21 -6.74
N SER B 108 19.38 0.16 -7.12
CA SER B 108 19.91 -1.11 -7.69
C SER B 108 18.81 -1.85 -8.45
N ASP B 109 19.13 -3.01 -9.00
CA ASP B 109 18.15 -3.89 -9.70
C ASP B 109 17.08 -4.35 -8.71
N GLU B 110 17.39 -4.34 -7.41
CA GLU B 110 16.54 -4.92 -6.35
C GLU B 110 16.01 -3.84 -5.40
N LYS B 111 16.31 -2.57 -5.64
CA LYS B 111 15.86 -1.49 -4.72
C LYS B 111 15.57 -0.18 -5.48
N ALA B 112 14.37 0.35 -5.35
CA ALA B 112 14.00 1.67 -5.89
C ALA B 112 13.05 2.38 -4.91
N TYR B 113 13.07 3.71 -4.93
CA TYR B 113 12.11 4.58 -4.19
C TYR B 113 10.99 5.02 -5.15
N VAL B 114 9.76 5.04 -4.65
CA VAL B 114 8.56 5.54 -5.39
C VAL B 114 7.85 6.57 -4.52
N THR B 115 7.89 7.83 -4.93
CA THR B 115 7.32 8.99 -4.19
C THR B 115 5.79 8.97 -4.34
N GLN B 116 5.09 9.67 -3.45
CA GLN B 116 3.62 9.64 -3.39
C GLN B 116 3.08 11.05 -3.10
N ILE B 117 1.87 11.31 -3.57
CA ILE B 117 1.01 12.40 -3.04
C ILE B 117 -0.07 11.77 -2.14
N TRP B 118 -0.54 12.51 -1.14
CA TRP B 118 -1.55 12.05 -0.15
C TRP B 118 -1.02 10.89 0.67
N ASP B 119 0.29 10.83 0.89
CA ASP B 119 0.97 9.84 1.76
C ASP B 119 2.20 10.56 2.31
N TYR B 120 2.61 10.27 3.54
CA TYR B 120 3.84 10.87 4.12
C TYR B 120 5.03 9.92 3.93
N ARG B 121 4.76 8.75 3.32
CA ARG B 121 5.79 7.70 3.13
C ARG B 121 6.26 7.67 1.68
N ILE B 122 7.56 7.47 1.48
CA ILE B 122 8.15 7.03 0.19
C ILE B 122 8.18 5.51 0.21
N PHE B 123 7.62 4.87 -0.82
CA PHE B 123 7.59 3.40 -0.95
C PHE B 123 8.95 2.89 -1.41
N ILE B 124 9.48 1.87 -0.74
CA ILE B 124 10.69 1.12 -1.20
C ILE B 124 10.18 -0.13 -1.90
N ILE B 125 10.66 -0.37 -3.12
CA ILE B 125 10.23 -1.52 -3.95
C ILE B 125 11.46 -2.33 -4.34
N ASN B 126 11.21 -3.58 -4.70
CA ASN B 126 12.14 -4.49 -5.43
C ASN B 126 11.61 -4.62 -6.84
N PRO B 127 12.22 -3.91 -7.81
CA PRO B 127 11.80 -3.99 -9.22
C PRO B 127 11.93 -5.39 -9.84
N LYS B 128 12.92 -6.17 -9.40
CA LYS B 128 13.17 -7.57 -9.87
C LYS B 128 11.96 -8.45 -9.55
N THR B 129 11.48 -8.43 -8.30
CA THR B 129 10.37 -9.30 -7.80
C THR B 129 9.00 -8.62 -7.99
N TYR B 130 9.00 -7.32 -8.34
CA TYR B 130 7.76 -6.51 -8.52
C TYR B 130 7.00 -6.43 -7.20
N GLU B 131 7.74 -6.15 -6.11
CA GLU B 131 7.15 -6.07 -4.76
C GLU B 131 7.52 -4.73 -4.11
N ILE B 132 6.60 -4.23 -3.28
CA ILE B 132 6.86 -3.20 -2.23
C ILE B 132 7.53 -3.91 -1.05
N THR B 133 8.69 -3.41 -0.61
CA THR B 133 9.53 -4.07 0.44
C THR B 133 9.59 -3.21 1.70
N GLY B 134 9.23 -1.92 1.64
CA GLY B 134 9.30 -1.05 2.81
C GLY B 134 8.82 0.35 2.54
N TYR B 135 9.06 1.24 3.50
CA TYR B 135 8.53 2.62 3.59
C TYR B 135 9.56 3.50 4.28
N ILE B 136 9.70 4.73 3.77
CA ILE B 136 10.48 5.83 4.43
C ILE B 136 9.46 6.85 4.91
N GLU B 137 9.39 7.06 6.22
CA GLU B 137 8.46 8.05 6.82
C GLU B 137 9.10 9.44 6.72
N CYS B 138 8.39 10.38 6.10
CA CYS B 138 8.83 11.79 6.03
C CYS B 138 8.49 12.48 7.34
N PRO B 139 9.39 13.30 7.92
CA PRO B 139 9.09 14.00 9.18
C PRO B 139 8.11 15.14 8.94
N ASP B 140 7.31 15.48 9.97
CA ASP B 140 6.37 16.65 9.95
C ASP B 140 5.49 16.60 8.70
N MET B 141 4.84 15.46 8.47
CA MET B 141 4.05 15.26 7.25
C MET B 141 2.97 14.22 7.55
N ASP B 142 1.76 14.46 7.07
CA ASP B 142 0.59 13.58 7.29
C ASP B 142 0.10 13.08 5.94
N MET B 143 -0.94 12.26 5.95
CA MET B 143 -1.52 11.64 4.74
C MET B 143 -2.37 12.68 4.02
N GLU B 144 -3.13 13.47 4.76
CA GLU B 144 -4.12 14.46 4.25
C GLU B 144 -3.46 15.40 3.23
N SER B 145 -2.24 15.87 3.53
CA SER B 145 -1.54 16.88 2.69
C SER B 145 -0.11 16.44 2.34
N GLY B 146 0.19 15.14 2.48
CA GLY B 146 1.54 14.59 2.22
C GLY B 146 1.93 14.71 0.77
N SER B 147 3.23 14.91 0.50
CA SER B 147 3.74 14.97 -0.89
C SER B 147 5.25 14.80 -0.90
N THR B 148 5.68 13.77 -1.63
CA THR B 148 7.06 13.59 -2.12
C THR B 148 6.99 13.47 -3.64
N GLU B 149 8.02 13.91 -4.36
CA GLU B 149 7.88 14.17 -5.81
C GLU B 149 9.16 13.69 -6.52
N GLN B 150 10.00 14.60 -7.01
CA GLN B 150 11.14 14.21 -7.85
C GLN B 150 12.35 13.94 -6.95
N MET B 151 13.28 13.15 -7.47
CA MET B 151 14.44 12.65 -6.69
C MET B 151 15.72 12.83 -7.50
N VAL B 152 16.83 13.09 -6.79
CA VAL B 152 18.20 13.08 -7.38
C VAL B 152 19.13 12.37 -6.39
N GLN B 153 20.21 11.82 -6.91
CA GLN B 153 21.23 11.11 -6.11
C GLN B 153 22.42 12.04 -5.89
N TYR B 154 23.01 11.97 -4.70
CA TYR B 154 24.27 12.65 -4.33
C TYR B 154 25.06 11.70 -3.41
N GLY B 155 25.95 10.91 -3.99
CA GLY B 155 26.65 9.82 -3.29
C GLY B 155 25.67 8.83 -2.68
N LYS B 156 25.69 8.65 -1.36
CA LYS B 156 24.80 7.70 -0.64
C LYS B 156 23.43 8.34 -0.34
N TYR B 157 23.26 9.63 -0.65
CA TYR B 157 22.03 10.41 -0.35
C TYR B 157 21.14 10.50 -1.58
N VAL B 158 19.82 10.43 -1.35
CA VAL B 158 18.79 10.87 -2.32
C VAL B 158 18.16 12.14 -1.78
N TYR B 159 18.05 13.17 -2.62
CA TYR B 159 17.32 14.42 -2.30
C TYR B 159 15.96 14.33 -2.99
N VAL B 160 14.91 14.79 -2.33
CA VAL B 160 13.51 14.69 -2.85
C VAL B 160 12.81 16.01 -2.54
N ASN B 161 12.13 16.58 -3.53
CA ASN B 161 11.27 17.78 -3.31
C ASN B 161 9.90 17.30 -2.81
N CYS B 162 9.36 18.04 -1.86
CA CYS B 162 8.00 17.87 -1.30
C CYS B 162 7.13 18.97 -1.90
N TRP B 163 6.16 18.59 -2.73
CA TRP B 163 5.48 19.51 -3.66
C TRP B 163 4.16 20.01 -3.07
N SER B 164 3.11 19.20 -3.12
CA SER B 164 1.72 19.60 -2.83
C SER B 164 1.59 19.91 -1.34
N TYR B 165 1.30 21.17 -1.00
CA TYR B 165 1.05 21.61 0.39
C TYR B 165 2.29 21.32 1.23
N GLN B 166 3.48 21.43 0.62
CA GLN B 166 4.78 21.30 1.32
C GLN B 166 5.75 22.38 0.81
N ASN B 167 6.91 22.51 1.45
CA ASN B 167 7.85 23.63 1.17
C ASN B 167 9.28 23.22 1.50
N ARG B 168 9.61 21.95 1.30
CA ARG B 168 10.91 21.37 1.70
C ARG B 168 11.52 20.51 0.60
N ILE B 169 12.85 20.47 0.66
CA ILE B 169 13.68 19.37 0.10
C ILE B 169 14.06 18.51 1.29
N LEU B 170 13.92 17.19 1.17
CA LEU B 170 14.42 16.21 2.16
C LEU B 170 15.71 15.56 1.66
N LYS B 171 16.54 15.16 2.62
CA LYS B 171 17.78 14.38 2.40
C LYS B 171 17.54 12.98 2.98
N ILE B 172 17.66 11.94 2.15
CA ILE B 172 17.53 10.51 2.57
C ILE B 172 18.92 9.88 2.56
N ASP B 173 19.32 9.24 3.66
CA ASP B 173 20.48 8.32 3.68
C ASP B 173 20.01 6.96 3.15
N THR B 174 20.44 6.55 1.95
CA THR B 174 19.99 5.30 1.27
C THR B 174 20.54 4.06 1.98
N GLU B 175 21.58 4.20 2.81
CA GLU B 175 22.21 3.10 3.59
C GLU B 175 21.34 2.75 4.81
N THR B 176 20.51 3.69 5.30
CA THR B 176 19.56 3.46 6.43
C THR B 176 18.10 3.62 5.98
N ASP B 177 17.83 4.13 4.77
CA ASP B 177 16.45 4.41 4.26
C ASP B 177 15.73 5.37 5.22
N LYS B 178 16.41 6.41 5.67
CA LYS B 178 15.81 7.40 6.61
C LYS B 178 16.06 8.80 6.08
N VAL B 179 15.07 9.67 6.27
CA VAL B 179 15.24 11.13 6.11
C VAL B 179 16.17 11.58 7.23
N VAL B 180 17.30 12.22 6.89
CA VAL B 180 18.33 12.68 7.87
C VAL B 180 18.44 14.20 7.88
N ASP B 181 17.81 14.92 6.96
CA ASP B 181 17.87 16.41 6.95
C ASP B 181 16.77 16.96 6.05
N GLU B 182 16.49 18.25 6.19
CA GLU B 182 15.50 18.94 5.35
C GLU B 182 15.93 20.40 5.19
N LEU B 183 15.48 21.03 4.12
CA LEU B 183 15.68 22.48 3.87
C LEU B 183 14.31 23.04 3.50
N THR B 184 13.89 24.08 4.21
CA THR B 184 12.64 24.80 3.94
C THR B 184 12.95 25.91 2.95
N ILE B 185 12.16 25.98 1.88
CA ILE B 185 12.26 27.02 0.82
C ILE B 185 10.85 27.55 0.57
N GLY B 186 10.64 28.25 -0.55
CA GLY B 186 9.31 28.70 -1.00
C GLY B 186 8.32 27.55 -1.10
N ILE B 187 7.03 27.85 -1.13
CA ILE B 187 5.97 26.80 -1.09
C ILE B 187 5.98 26.06 -2.43
N GLN B 188 5.82 24.73 -2.35
CA GLN B 188 5.49 23.80 -3.46
C GLN B 188 6.61 23.81 -4.49
N PRO B 189 7.85 23.40 -4.12
CA PRO B 189 8.85 23.06 -5.13
C PRO B 189 8.29 21.90 -5.97
N THR B 190 8.39 22.02 -7.29
CA THR B 190 7.68 21.14 -8.25
C THR B 190 8.54 19.96 -8.71
N SER B 191 9.85 20.18 -8.82
CA SER B 191 10.74 19.32 -9.63
C SER B 191 12.16 19.48 -9.12
N LEU B 192 13.03 18.53 -9.44
CA LEU B 192 14.40 18.53 -8.86
C LEU B 192 15.38 17.95 -9.86
N VAL B 193 16.48 18.68 -10.12
CA VAL B 193 17.58 18.17 -10.98
C VAL B 193 18.90 18.46 -10.27
N MET B 194 19.95 17.75 -10.67
CA MET B 194 21.31 17.88 -10.08
C MET B 194 22.28 18.23 -11.22
N ASP B 195 22.89 19.42 -11.17
CA ASP B 195 23.80 19.86 -12.25
C ASP B 195 25.18 19.22 -12.02
N LYS B 196 26.11 19.44 -12.95
CA LYS B 196 27.40 18.71 -12.98
C LYS B 196 28.29 19.17 -11.82
N TYR B 197 27.92 20.26 -11.14
CA TYR B 197 28.64 20.80 -9.96
C TYR B 197 28.05 20.24 -8.67
N ASN B 198 27.18 19.24 -8.77
CA ASN B 198 26.45 18.66 -7.60
C ASN B 198 25.71 19.78 -6.87
N LYS B 199 25.09 20.65 -7.66
CA LYS B 199 24.17 21.69 -7.17
C LYS B 199 22.78 21.38 -7.71
N MET B 200 21.81 21.30 -6.80
CA MET B 200 20.41 20.98 -7.12
C MET B 200 19.72 22.23 -7.62
N TRP B 201 18.80 22.06 -8.57
CA TRP B 201 17.87 23.11 -9.03
C TRP B 201 16.45 22.62 -8.74
N THR B 202 15.64 23.51 -8.19
CA THR B 202 14.19 23.27 -7.98
C THR B 202 13.47 24.57 -8.31
N ILE B 203 12.27 24.46 -8.85
CA ILE B 203 11.43 25.65 -9.13
C ILE B 203 10.08 25.42 -8.46
N THR B 204 9.59 26.42 -7.75
CA THR B 204 8.29 26.35 -7.04
C THR B 204 7.16 26.81 -7.96
N ASP B 205 5.91 26.40 -7.66
CA ASP B 205 4.74 26.80 -8.47
C ASP B 205 4.03 27.97 -7.80
N GLY B 206 4.41 28.32 -6.56
CA GLY B 206 3.83 29.49 -5.84
C GLY B 206 2.44 29.24 -5.32
N GLY B 207 1.98 27.98 -5.32
CA GLY B 207 0.62 27.65 -4.87
C GLY B 207 -0.42 28.21 -5.82
N TYR B 208 -1.61 28.56 -5.33
CA TYR B 208 -2.70 29.04 -6.21
C TYR B 208 -3.62 29.94 -5.40
N GLU B 209 -4.32 30.85 -6.09
CA GLU B 209 -5.21 31.85 -5.44
C GLU B 209 -6.31 31.10 -4.71
N GLY B 210 -6.50 31.38 -3.42
CA GLY B 210 -7.51 30.73 -2.58
C GLY B 210 -7.01 29.42 -1.97
N SER B 211 -5.76 29.03 -2.23
CA SER B 211 -5.16 27.83 -1.61
C SER B 211 -5.27 27.95 -0.09
N PRO B 212 -5.64 26.87 0.63
CA PRO B 212 -5.65 26.88 2.08
C PRO B 212 -4.22 26.93 2.65
N TYR B 213 -3.22 26.62 1.82
CA TYR B 213 -1.80 26.45 2.24
C TYR B 213 -1.00 27.71 1.95
N GLY B 214 -1.14 28.27 0.75
CA GLY B 214 -0.42 29.51 0.39
C GLY B 214 -0.46 29.81 -1.08
N TYR B 215 -0.22 31.09 -1.38
CA TYR B 215 -0.19 31.69 -2.72
C TYR B 215 0.84 32.82 -2.70
N GLU B 216 1.94 32.67 -3.43
CA GLU B 216 3.07 33.62 -3.39
C GLU B 216 3.83 33.61 -4.71
N ALA B 217 4.65 34.64 -4.90
CA ALA B 217 5.61 34.72 -6.01
C ALA B 217 6.51 33.48 -5.92
N PRO B 218 6.61 32.69 -7.01
CA PRO B 218 7.45 31.49 -7.00
C PRO B 218 8.92 31.84 -7.29
N SER B 219 9.81 30.88 -7.05
CA SER B 219 11.28 31.03 -7.24
C SER B 219 11.89 29.77 -7.84
N LEU B 220 12.96 29.99 -8.59
CA LEU B 220 13.96 28.98 -8.98
C LEU B 220 15.11 29.09 -7.99
N TYR B 221 15.54 27.96 -7.44
CA TYR B 221 16.63 27.91 -6.44
C TYR B 221 17.75 27.02 -6.96
N ARG B 222 18.98 27.45 -6.71
CA ARG B 222 20.16 26.58 -6.80
C ARG B 222 20.63 26.28 -5.38
N ILE B 223 20.73 25.00 -5.05
CA ILE B 223 20.98 24.50 -3.66
C ILE B 223 22.23 23.62 -3.69
N ASP B 224 23.26 24.00 -2.96
CA ASP B 224 24.48 23.16 -2.90
C ASP B 224 24.12 21.82 -2.25
N ALA B 225 24.51 20.68 -2.84
CA ALA B 225 24.17 19.34 -2.30
C ALA B 225 25.01 19.06 -1.05
N GLU B 226 26.30 19.44 -1.04
CA GLU B 226 27.21 19.15 0.09
C GLU B 226 26.72 19.90 1.34
N THR B 227 26.51 21.21 1.26
CA THR B 227 26.11 22.08 2.42
C THR B 227 24.59 22.18 2.56
N PHE B 228 23.83 21.68 1.58
CA PHE B 228 22.34 21.72 1.58
C PHE B 228 21.84 23.13 1.91
N THR B 229 22.35 24.16 1.23
CA THR B 229 21.85 25.55 1.37
C THR B 229 21.70 26.21 0.01
N VAL B 230 20.82 27.20 -0.03
CA VAL B 230 20.52 28.00 -1.24
C VAL B 230 21.73 28.87 -1.56
N GLU B 231 22.21 28.80 -2.80
CA GLU B 231 23.33 29.64 -3.32
C GLU B 231 22.78 30.73 -4.23
N LYS B 232 21.70 30.45 -4.98
CA LYS B 232 21.05 31.42 -5.87
C LYS B 232 19.54 31.26 -5.75
N GLN B 233 18.85 32.39 -5.92
CA GLN B 233 17.37 32.45 -6.02
C GLN B 233 17.03 33.43 -7.15
N PHE B 234 16.17 32.98 -8.05
CA PHE B 234 15.55 33.77 -9.14
C PHE B 234 14.05 33.79 -8.86
N LYS B 235 13.55 34.93 -8.40
CA LYS B 235 12.18 35.05 -7.88
C LYS B 235 11.32 35.71 -8.96
N PHE B 236 10.16 35.13 -9.22
CA PHE B 236 9.29 35.55 -10.36
C PHE B 236 8.11 36.35 -9.79
N LYS B 237 6.96 36.30 -10.45
CA LYS B 237 5.81 37.21 -10.20
C LYS B 237 4.65 36.40 -9.62
N LEU B 238 3.95 36.97 -8.63
CA LEU B 238 2.67 36.40 -8.14
C LEU B 238 1.77 36.16 -9.35
N GLY B 239 1.20 34.96 -9.44
CA GLY B 239 0.33 34.56 -10.56
C GLY B 239 1.06 33.64 -11.51
N ASP B 240 2.39 33.75 -11.60
CA ASP B 240 3.24 32.74 -12.29
C ASP B 240 3.01 31.39 -11.63
N TRP B 241 3.00 30.33 -12.43
CA TRP B 241 2.76 28.94 -11.96
C TRP B 241 3.79 28.04 -12.63
N PRO B 242 5.10 28.22 -12.29
CA PRO B 242 6.19 27.52 -12.97
C PRO B 242 6.27 26.01 -12.66
N SER B 243 7.10 25.33 -13.42
CA SER B 243 7.29 23.87 -13.29
C SER B 243 8.54 23.40 -14.04
N GLU B 244 8.91 22.16 -13.74
CA GLU B 244 9.70 21.24 -14.61
C GLU B 244 11.08 21.82 -14.92
N VAL B 245 11.95 21.92 -13.92
CA VAL B 245 13.40 22.07 -14.20
C VAL B 245 13.88 20.82 -14.96
N GLN B 246 14.74 21.05 -15.94
CA GLN B 246 15.27 20.02 -16.85
C GLN B 246 16.69 20.43 -17.23
N LEU B 247 17.61 19.46 -17.27
CA LEU B 247 19.01 19.73 -17.67
C LEU B 247 19.30 19.11 -19.05
N ASN B 248 20.27 19.71 -19.75
CA ASN B 248 20.92 19.07 -20.92
C ASN B 248 21.83 17.92 -20.43
N GLY B 249 22.44 17.20 -21.36
CA GLY B 249 23.09 15.91 -21.07
C GLY B 249 24.36 16.10 -20.30
N THR B 250 25.03 17.23 -20.50
CA THR B 250 26.29 17.61 -19.79
C THR B 250 25.94 18.27 -18.45
N ARG B 251 24.65 18.54 -18.21
CA ARG B 251 24.17 19.06 -16.91
C ARG B 251 24.81 20.43 -16.62
N ASP B 252 24.93 21.28 -17.63
CA ASP B 252 25.44 22.66 -17.43
C ASP B 252 24.45 23.69 -17.99
N THR B 253 23.33 23.25 -18.57
CA THR B 253 22.31 24.17 -19.12
C THR B 253 20.95 23.76 -18.56
N LEU B 254 20.28 24.71 -17.91
CA LEU B 254 18.98 24.49 -17.24
C LEU B 254 17.86 25.08 -18.09
N TYR B 255 16.76 24.34 -18.17
CA TYR B 255 15.51 24.82 -18.79
C TYR B 255 14.37 24.64 -17.77
N TRP B 256 13.32 25.44 -17.91
CA TRP B 256 12.09 25.27 -17.09
C TRP B 256 10.94 25.97 -17.79
N ILE B 257 9.74 25.74 -17.25
CA ILE B 257 8.49 26.34 -17.77
C ILE B 257 8.09 27.45 -16.81
N ASN B 258 7.87 28.63 -17.37
CA ASN B 258 7.18 29.73 -16.66
C ASN B 258 6.51 30.61 -17.70
N ASN B 259 5.31 30.17 -18.13
CA ASN B 259 4.56 30.69 -19.30
C ASN B 259 5.39 30.38 -20.55
N ASP B 260 6.54 31.02 -20.67
CA ASP B 260 7.56 30.75 -21.71
C ASP B 260 8.38 29.52 -21.29
N ILE B 261 9.19 29.01 -22.21
CA ILE B 261 10.30 28.08 -21.90
C ILE B 261 11.56 28.93 -21.73
N TRP B 262 12.21 28.78 -20.58
CA TRP B 262 13.41 29.55 -20.17
C TRP B 262 14.63 28.64 -20.25
N ARG B 263 15.77 29.23 -20.59
CA ARG B 263 17.09 28.55 -20.69
C ARG B 263 18.13 29.42 -19.99
N MET B 264 18.92 28.83 -19.12
CA MET B 264 20.00 29.54 -18.40
C MET B 264 21.17 28.60 -18.17
N PRO B 265 22.41 29.04 -18.44
CA PRO B 265 23.60 28.33 -17.97
C PRO B 265 23.55 28.22 -16.44
N VAL B 266 23.98 27.07 -15.90
CA VAL B 266 23.85 26.80 -14.44
C VAL B 266 24.76 27.74 -13.64
N GLU B 267 25.82 28.30 -14.25
CA GLU B 267 26.73 29.23 -13.55
C GLU B 267 26.26 30.70 -13.68
N ALA B 268 25.14 30.99 -14.36
CA ALA B 268 24.69 32.39 -14.57
C ALA B 268 24.19 33.02 -13.26
N ASP B 269 24.28 34.34 -13.15
CA ASP B 269 23.79 35.11 -11.98
C ASP B 269 22.38 35.65 -12.23
N ARG B 270 21.97 35.69 -13.51
CA ARG B 270 20.71 36.31 -13.96
C ARG B 270 20.03 35.42 -15.00
N VAL B 271 18.69 35.35 -14.95
CA VAL B 271 17.89 34.72 -16.05
C VAL B 271 18.04 35.62 -17.25
N PRO B 272 18.35 35.10 -18.45
CA PRO B 272 18.36 35.93 -19.66
C PRO B 272 17.01 36.67 -19.82
N VAL B 273 17.03 37.84 -20.43
CA VAL B 273 15.79 38.63 -20.70
C VAL B 273 14.89 37.84 -21.66
N ARG B 274 15.52 37.19 -22.65
CA ARG B 274 14.83 36.48 -23.76
C ARG B 274 14.63 35.03 -23.36
N PRO B 275 13.39 34.50 -23.47
CA PRO B 275 13.15 33.07 -23.25
C PRO B 275 13.64 32.24 -24.44
N PHE B 276 13.82 30.94 -24.23
CA PHE B 276 14.15 29.96 -25.28
C PHE B 276 12.98 29.84 -26.28
N LEU B 277 11.76 29.75 -25.75
CA LEU B 277 10.52 29.67 -26.56
C LEU B 277 9.48 30.60 -25.93
N GLU B 278 8.99 31.55 -26.70
CA GLU B 278 8.09 32.60 -26.18
C GLU B 278 6.72 31.99 -25.89
N PHE B 279 6.12 32.39 -24.78
CA PHE B 279 4.69 32.17 -24.43
C PHE B 279 3.83 32.54 -25.63
N ARG B 280 2.82 31.73 -25.93
CA ARG B 280 1.89 32.01 -27.06
C ARG B 280 0.44 31.72 -26.66
N ASP B 281 0.08 32.03 -25.41
CA ASP B 281 -1.30 31.89 -24.88
C ASP B 281 -1.78 30.45 -25.01
N THR B 282 -0.89 29.46 -24.84
CA THR B 282 -1.26 28.02 -24.71
C THR B 282 -0.81 27.55 -23.33
N LYS B 283 -0.41 26.28 -23.19
CA LYS B 283 -0.09 25.69 -21.87
C LYS B 283 1.12 24.78 -22.02
N TYR B 284 2.31 25.35 -22.19
CA TYR B 284 3.54 24.53 -22.15
C TYR B 284 3.53 23.80 -20.81
N TYR B 285 3.71 22.49 -20.81
CA TYR B 285 3.38 21.64 -19.64
C TYR B 285 4.42 20.56 -19.39
N GLY B 286 4.99 19.98 -20.44
CA GLY B 286 6.07 18.98 -20.35
C GLY B 286 7.32 19.48 -21.05
N LEU B 287 8.48 18.97 -20.64
CA LEU B 287 9.77 19.51 -21.13
C LEU B 287 10.84 18.44 -20.99
N THR B 288 11.70 18.30 -22.00
CA THR B 288 12.89 17.43 -21.92
C THR B 288 13.95 17.98 -22.88
N VAL B 289 15.19 17.59 -22.59
CA VAL B 289 16.35 17.88 -23.45
C VAL B 289 16.96 16.55 -23.83
N ASN B 290 17.13 16.35 -25.13
CA ASN B 290 17.79 15.13 -25.64
C ASN B 290 19.17 15.11 -25.00
N PRO B 291 19.50 14.06 -24.20
CA PRO B 291 20.78 14.01 -23.49
C PRO B 291 22.01 13.90 -24.40
N ASN B 292 21.82 13.49 -25.66
CA ASN B 292 22.95 13.27 -26.61
C ASN B 292 23.19 14.51 -27.47
N ASN B 293 22.15 15.21 -27.93
CA ASN B 293 22.32 16.25 -28.99
C ASN B 293 21.76 17.61 -28.58
N GLY B 294 21.19 17.74 -27.38
CA GLY B 294 20.75 19.03 -26.82
C GLY B 294 19.43 19.53 -27.39
N GLU B 295 18.77 18.74 -28.26
CA GLU B 295 17.47 19.15 -28.85
C GLU B 295 16.44 19.22 -27.71
N VAL B 296 15.59 20.25 -27.77
CA VAL B 296 14.64 20.57 -26.67
C VAL B 296 13.23 20.23 -27.16
N TYR B 297 12.49 19.46 -26.37
CA TYR B 297 11.09 19.07 -26.66
C TYR B 297 10.17 19.72 -25.64
N VAL B 298 9.15 20.40 -26.15
CA VAL B 298 8.14 21.12 -25.35
C VAL B 298 6.81 20.44 -25.60
N ALA B 299 6.21 19.85 -24.55
CA ALA B 299 4.85 19.28 -24.63
C ALA B 299 3.87 20.39 -24.25
N ASP B 300 3.02 20.79 -25.21
CA ASP B 300 2.01 21.86 -25.03
C ASP B 300 0.66 21.19 -24.80
N ALA B 301 0.07 21.37 -23.64
CA ALA B 301 -1.27 20.82 -23.28
C ALA B 301 -2.37 21.61 -23.99
N ILE B 302 -2.00 22.79 -24.54
CA ILE B 302 -2.84 23.72 -25.33
C ILE B 302 -3.93 24.34 -24.43
N ASP B 303 -4.93 23.55 -24.06
CA ASP B 303 -6.10 23.99 -23.25
C ASP B 303 -6.54 22.91 -22.25
N TYR B 304 -5.73 21.86 -22.07
CA TYR B 304 -5.96 20.72 -21.15
C TYR B 304 -7.11 19.83 -21.62
N GLN B 305 -7.65 20.04 -22.83
CA GLN B 305 -8.86 19.32 -23.32
C GLN B 305 -8.54 18.60 -24.63
N GLN B 306 -8.03 19.34 -25.62
CA GLN B 306 -7.74 18.80 -26.97
C GLN B 306 -6.45 17.96 -26.92
N GLN B 307 -6.16 17.26 -28.02
CA GLN B 307 -4.90 16.48 -28.17
C GLN B 307 -3.74 17.47 -28.01
N GLY B 308 -2.73 17.10 -27.22
CA GLY B 308 -1.54 17.94 -26.98
C GLY B 308 -0.62 17.95 -28.19
N ILE B 309 0.29 18.91 -28.25
CA ILE B 309 1.27 19.03 -29.37
C ILE B 309 2.67 19.10 -28.77
N VAL B 310 3.59 18.29 -29.28
CA VAL B 310 5.02 18.36 -28.90
C VAL B 310 5.76 19.08 -30.01
N TYR B 311 6.56 20.08 -29.63
CA TYR B 311 7.42 20.86 -30.53
C TYR B 311 8.87 20.46 -30.24
N ARG B 312 9.60 20.09 -31.30
CA ARG B 312 11.01 19.65 -31.21
C ARG B 312 11.90 20.76 -31.77
N TYR B 313 12.84 21.26 -30.96
CA TYR B 313 13.72 22.40 -31.32
C TYR B 313 15.18 21.97 -31.31
N SER B 314 15.98 22.60 -32.17
CA SER B 314 17.46 22.53 -32.09
C SER B 314 17.89 23.18 -30.79
N PRO B 315 19.12 22.90 -30.30
CA PRO B 315 19.61 23.58 -29.10
C PRO B 315 19.69 25.10 -29.28
N GLN B 316 19.64 25.61 -30.52
CA GLN B 316 19.63 27.06 -30.83
C GLN B 316 18.20 27.59 -30.90
N GLY B 317 17.18 26.75 -30.70
CA GLY B 317 15.77 27.18 -30.64
C GLY B 317 15.10 27.24 -32.00
N LYS B 318 15.64 26.54 -33.01
CA LYS B 318 15.03 26.43 -34.36
C LYS B 318 14.07 25.23 -34.39
N LEU B 319 12.82 25.42 -34.81
CA LEU B 319 11.84 24.31 -34.86
C LEU B 319 12.31 23.26 -35.87
N ILE B 320 12.26 21.99 -35.46
CA ILE B 320 12.64 20.82 -36.29
C ILE B 320 11.39 20.05 -36.69
N ASP B 321 10.50 19.80 -35.73
CA ASP B 321 9.33 18.92 -35.96
C ASP B 321 8.24 19.27 -34.95
N GLU B 322 7.01 18.86 -35.26
CA GLU B 322 5.87 19.02 -34.33
C GLU B 322 4.94 17.83 -34.59
N PHE B 323 4.36 17.29 -33.53
CA PHE B 323 3.50 16.09 -33.64
C PHE B 323 2.48 16.10 -32.51
N TYR B 324 1.32 15.50 -32.78
CA TYR B 324 0.23 15.32 -31.79
C TYR B 324 0.56 14.14 -30.90
N VAL B 325 0.19 14.30 -29.63
CA VAL B 325 0.29 13.23 -28.62
C VAL B 325 -1.10 13.08 -28.00
N GLY B 326 -1.17 12.68 -26.72
CA GLY B 326 -2.44 12.50 -26.02
C GLY B 326 -2.83 13.77 -25.29
N ILE B 327 -3.72 13.64 -24.32
CA ILE B 327 -4.28 14.79 -23.57
C ILE B 327 -3.38 15.07 -22.37
N ILE B 328 -3.00 16.34 -22.19
CA ILE B 328 -2.09 16.82 -21.10
C ILE B 328 -0.83 15.98 -21.08
N PRO B 329 -0.02 16.03 -22.16
CA PRO B 329 1.30 15.41 -22.14
C PRO B 329 2.19 16.10 -21.09
N GLY B 330 2.69 15.32 -20.12
CA GLY B 330 3.33 15.89 -18.92
C GLY B 330 4.79 15.53 -18.79
N ALA B 331 5.25 14.43 -19.39
CA ALA B 331 6.62 13.95 -19.14
C ALA B 331 7.13 13.14 -20.32
N PHE B 332 8.45 13.04 -20.37
CA PHE B 332 9.18 12.35 -21.46
C PHE B 332 10.08 11.31 -20.84
N CYS B 333 10.36 10.27 -21.58
CA CYS B 333 11.41 9.29 -21.20
C CYS B 333 12.18 8.89 -22.46
N TRP B 334 13.49 9.12 -22.43
CA TRP B 334 14.42 8.83 -23.55
C TRP B 334 14.72 7.34 -23.61
N LYS B 335 14.62 6.78 -24.81
CA LYS B 335 15.10 5.42 -25.14
C LYS B 335 16.30 5.59 -26.05
N LEU B 336 17.51 5.46 -25.50
CA LEU B 336 18.77 5.68 -26.27
C LEU B 336 19.57 4.39 -26.32
N GLU B 337 20.05 4.06 -27.50
CA GLU B 337 20.93 2.88 -27.72
C GLU B 337 22.27 3.17 -27.06
N HIS B 338 22.76 4.41 -27.18
CA HIS B 338 24.03 4.89 -26.56
C HIS B 338 23.77 6.21 -25.83
N HIS B 339 24.35 6.36 -24.65
CA HIS B 339 24.45 7.67 -23.95
C HIS B 339 25.86 8.21 -24.19
N HIS B 340 25.99 9.41 -24.76
CA HIS B 340 27.30 10.08 -24.97
C HIS B 340 27.90 10.54 -23.63
N HIS B 341 27.07 10.75 -22.61
CA HIS B 341 27.48 11.22 -21.26
C HIS B 341 27.55 10.07 -20.26
N HIS B 342 28.20 10.31 -19.12
CA HIS B 342 28.62 9.32 -18.11
C HIS B 342 27.92 9.64 -16.78
CO CNC C . 0.94 -6.06 22.56
N21 CNC C . 1.08 -6.39 20.74
N22 CNC C . 0.29 -4.33 22.18
N23 CNC C . 0.84 -5.89 24.41
N24 CNC C . 1.38 -7.87 22.70
C1 CNC C . 1.70 -7.65 20.33
C20 CNC C . 3.23 -7.52 20.23
C2 CNC C . 1.09 -7.89 18.91
C25 CNC C . 1.98 -8.63 17.92
C26 CNC C . -0.25 -8.66 18.99
C27 CNC C . -0.85 -8.92 17.61
O28 CNC C . -1.26 -8.03 16.88
N29 CNC C . -0.92 -10.19 17.22
C3 CNC C . 0.81 -6.43 18.42
C30 CNC C . 1.82 -5.68 17.54
C31 CNC C . 1.51 -5.74 16.05
C32 CNC C . 2.29 -4.74 15.21
O34 CNC C . 2.70 -3.68 15.69
N33 CNC C . 2.50 -5.11 13.93
C4 CNC C . 0.63 -5.72 19.73
C5 CNC C . -0.11 -4.46 19.81
C35 CNC C . -0.80 -3.97 18.54
C6 CNC C . -0.19 -3.83 20.99
C7 CNC C . -0.87 -2.48 21.23
C36 CNC C . -0.74 -1.46 20.09
C37 CNC C . -2.33 -2.89 21.53
C38 CNC C . -3.18 -1.85 22.21
O39 CNC C . -3.50 -2.02 23.39
N40 CNC C . -3.59 -0.78 21.50
C8 CNC C . -0.13 -2.03 22.48
C41 CNC C . 1.15 -1.24 22.22
C42 CNC C . 2.07 -1.02 23.44
C43 CNC C . 3.44 -0.49 23.05
O44 CNC C . 4.46 -0.91 23.59
N45 CNC C . 3.48 0.43 22.09
C9 CNC C . 0.18 -3.39 23.05
C10 CNC C . 0.24 -3.59 24.48
C11 CNC C . 0.48 -4.77 25.07
C12 CNC C . 0.34 -4.96 26.57
C46 CNC C . 0.81 -3.75 27.39
C47 CNC C . -1.13 -5.20 26.91
C13 CNC C . 1.11 -6.25 26.75
C48 CNC C . 2.56 -6.12 27.28
C49 CNC C . 2.68 -5.99 28.80
C50 CNC C . 1.87 -7.02 29.57
O51 CNC C . 2.23 -8.20 29.57
N52 CNC C . 0.78 -6.61 30.24
C14 CNC C . 1.12 -6.79 25.32
C15 CNC C . 1.46 -8.19 25.05
C53 CNC C . 1.66 -9.09 26.26
C16 CNC C . 1.56 -8.65 23.79
C17 CNC C . 1.82 -10.10 23.34
C54 CNC C . 0.47 -10.82 23.50
C55 CNC C . 2.93 -10.91 24.04
C56 CNC C . 4.22 -10.12 24.31
C57 CNC C . 5.14 -10.83 25.29
O58 CNC C . 5.02 -10.66 26.50
N59 CNC C . 6.06 -11.63 24.73
C18 CNC C . 2.21 -9.90 21.88
C60 CNC C . 1.96 -11.11 20.95
C61 CNC C . 3.18 -11.47 20.12
O63 CNC C . 4.34 -11.09 20.39
N62 CNC C . 2.90 -12.24 19.07
C19 CNC C . 1.62 -8.51 21.59
C1P CNC C . 7.01 -12.39 25.54
C2P CNC C . 8.22 -11.54 25.90
C3P CNC C . 9.16 -12.29 26.83
O3 CNC C . 8.89 -11.15 24.70
O4 CNC C . 10.01 -9.06 25.69
O5 CNC C . 9.87 -9.49 23.14
P CNC C . 9.27 -9.59 24.50
O2 CNC C . 7.80 -8.88 24.45
C3R CNC C . 7.56 -7.52 24.72
C2R CNC C . 7.02 -6.80 23.49
O7R CNC C . 6.12 -7.68 22.73
C1R CNC C . 6.32 -5.59 24.08
O6R CNC C . 5.99 -5.95 25.42
C4R CNC C . 6.45 -7.25 25.74
C5R CNC C . 6.84 -7.20 27.21
O8R CNC C . 8.01 -6.45 27.24
N1B CNC C . 5.10 -5.27 23.32
C8B CNC C . 5.05 -4.42 22.30
C2B CNC C . 3.88 -5.85 23.49
N3B CNC C . 2.99 -5.35 22.59
C9B CNC C . 3.66 -4.46 21.81
C4B CNC C . 3.31 -3.65 20.73
C5B CNC C . 4.24 -2.81 20.12
C5M CNC C . 3.86 -1.93 18.97
C6B CNC C . 5.64 -2.77 20.64
C6M CNC C . 6.61 -1.84 19.95
C7B CNC C . 6.00 -3.58 21.70
N1A CNC C . -1.89 -6.84 22.33
C1A CNC C . -0.79 -6.57 22.49
H201 CNC C . 3.61 -7.40 21.12
H202 CNC C . 3.61 -8.35 19.83
H203 CNC C . 3.45 -6.74 19.66
H251 CNC C . 2.27 -9.49 18.31
H252 CNC C . 1.49 -8.80 17.08
H253 CNC C . 2.79 -8.09 17.70
H261 CNC C . -0.89 -8.12 19.53
H262 CNC C . -0.11 -9.52 19.46
H291 CNC C . -1.26 -10.39 16.42
H292 CNC C . -0.61 -10.84 17.77
H3 CNC C . -0.05 -6.44 17.95
H301 CNC C . 2.74 -6.03 17.69
H302 CNC C . 1.83 -4.73 17.81
H311 CNC C . 0.54 -5.58 15.92
H312 CNC C . 1.70 -6.66 15.73
H331 CNC C . 2.95 -4.56 13.38
H332 CNC C . 2.18 -5.89 13.63
H351 CNC C . -0.23 -3.31 18.08
H352 CNC C . -0.97 -4.73 17.92
H353 CNC C . -1.68 -3.58 18.76
H361 CNC C . -1.45 -1.61 19.42
H362 CNC C . -0.85 -0.55 20.46
H363 CNC C . 0.15 -1.54 19.67
H371 CNC C . -2.35 -3.71 22.08
H372 CNC C . -2.77 -3.12 20.66
H401 CNC C . -4.09 -0.15 21.89
H402 CNC C . -3.35 -0.70 20.64
H8 CNC C . -0.72 -1.52 23.08
H411 CNC C . 0.90 -0.35 21.88
H412 CNC C . 1.68 -1.69 21.52
H421 CNC C . 2.20 -1.86 23.95
H422 CNC C . 1.65 -0.37 24.06
H451 CNC C . 4.28 0.76 21.83
H452 CNC C . 2.73 0.73 21.69
H10 CNC C . 0.06 -2.80 25.04
H461 CNC C . 0.28 -2.95 27.16
H462 CNC C . 0.68 -3.94 28.35
H463 CNC C . 1.77 -3.56 27.22
H471 CNC C . -1.47 -5.96 26.37
H472 CNC C . -1.22 -5.40 27.87
H473 CNC C . -1.66 -4.40 26.68
H13 CNC C . 0.58 -6.85 27.33
H481 CNC C . 2.99 -5.34 26.86
H482 CNC C . 3.08 -6.91 27.00
H491 CNC C . 2.42 -5.08 29.09
H492 CNC C . 3.64 -6.10 29.05
H521 CNC C . 0.29 -7.21 30.70
H522 CNC C . 0.54 -5.74 30.23
H531 CNC C . 2.62 -9.16 26.48
H532 CNC C . 1.17 -8.74 27.04
H533 CNC C . 1.29 -10.00 26.06
H541 CNC C . 0.40 -11.22 24.40
H542 CNC C . -0.26 -10.17 23.38
H543 CNC C . 0.37 -11.55 22.84
H551 CNC C . 3.16 -11.68 23.48
H552 CNC C . 2.59 -11.28 24.90
H561 CNC C . 4.01 -9.22 24.69
H562 CNC C . 4.70 -9.97 23.47
H59 CNC C . 6.10 -11.72 23.84
H18 CNC C . 3.18 -9.77 21.87
H601 CNC C . 1.20 -10.92 20.34
H602 CNC C . 1.73 -11.91 21.48
H621 CNC C . 3.56 -12.51 18.52
H622 CNC C . 2.05 -12.49 18.90
H1P1 CNC C . 7.30 -13.19 25.03
H1P2 CNC C . 6.58 -12.72 26.36
H2P CNC C . 7.90 -10.73 26.37
H3P1 CNC C . 9.93 -11.72 27.06
H3P2 CNC C . 8.68 -12.55 27.65
H3P3 CNC C . 9.49 -13.11 26.37
H3R CNC C . 8.39 -7.07 24.99
H2R CNC C . 7.77 -6.50 22.92
H1R CNC C . 6.94 -4.81 24.08
H4R CNC C . 5.74 -7.92 25.62
H5R1 CNC C . 7.00 -8.11 27.57
H5R2 CNC C . 6.12 -6.76 27.75
H2B CNC C . 3.67 -6.51 24.17
H4B CNC C . 2.39 -3.65 20.39
HM51 CNC C . 3.69 -1.01 19.30
HM52 CNC C . 4.59 -1.91 18.30
HM53 CNC C . 3.05 -2.29 18.55
HM61 CNC C . 6.40 -0.91 20.20
HM62 CNC C . 7.53 -2.07 20.25
HM63 CNC C . 6.55 -1.95 18.97
H7B CNC C . 6.92 -3.57 22.03
CL CL D . 6.10 -22.69 9.27
S SO4 E . -10.60 -16.27 13.37
O1 SO4 E . -11.16 -17.36 14.13
O2 SO4 E . -10.90 -16.44 11.97
O3 SO4 E . -11.20 -15.03 13.83
O4 SO4 E . -9.16 -16.23 13.57
S SO4 F . -30.21 -16.85 31.67
O1 SO4 F . -31.13 -16.76 32.79
O2 SO4 F . -29.78 -18.22 31.51
O3 SO4 F . -30.86 -16.40 30.46
O4 SO4 F . -29.07 -16.01 31.94
CO CNC G . -4.35 20.56 -10.05
N21 CNC G . -3.95 18.77 -10.03
N22 CNC G . -4.13 20.62 -8.19
N23 CNC G . -4.76 22.34 -10.25
N24 CNC G . -4.36 20.32 -11.88
C1 CNC G . -4.16 18.03 -11.25
C20 CNC G . -5.63 17.55 -11.37
C2 CNC G . -3.19 16.83 -11.13
C25 CNC G . -3.67 15.59 -11.88
C26 CNC G . -1.74 17.18 -11.56
C27 CNC G . -0.77 16.01 -11.41
O28 CNC G . -0.39 15.57 -10.33
N29 CNC G . -0.28 15.49 -12.52
C3 CNC G . -3.17 16.62 -9.60
C30 CNC G . -4.09 15.61 -8.93
C31 CNC G . -3.41 14.31 -8.58
C32 CNC G . -4.17 13.49 -7.54
O34 CNC G . -4.90 13.98 -6.70
N33 CNC G . -3.97 12.19 -7.60
C4 CNC G . -3.49 18.02 -9.10
C5 CNC G . -3.16 18.49 -7.77
C35 CNC G . -2.37 17.53 -6.90
C6 CNC G . -3.53 19.73 -7.38
C7 CNC G . -3.25 20.34 -6.00
C36 CNC G . -3.30 19.43 -4.76
C37 CNC G . -1.84 20.99 -6.11
C38 CNC G . -1.47 22.04 -5.08
O39 CNC G . -1.37 23.18 -5.42
N40 CNC G . -1.22 21.68 -3.82
C8 CNC G . -4.37 21.35 -5.97
C41 CNC G . -5.70 20.87 -5.36
C42 CNC G . -6.90 21.78 -5.63
C43 CNC G . -8.23 21.10 -5.32
O44 CNC G . -9.21 21.17 -6.09
N45 CNC G . -8.29 20.45 -4.19
C9 CNC G . -4.45 21.60 -7.44
C10 CNC G . -4.77 22.95 -7.93
C11 CNC G . -4.87 23.24 -9.24
C12 CNC G . -5.05 24.68 -9.71
C46 CNC G . -6.00 25.52 -8.84
C47 CNC G . -3.69 25.38 -9.73
C13 CNC G . -5.46 24.41 -11.12
C48 CNC G . -6.96 24.59 -11.38
C49 CNC G . -7.43 26.05 -11.55
C50 CNC G . -6.68 26.81 -12.62
O51 CNC G . -6.78 26.50 -13.81
N52 CNC G . -5.89 27.82 -12.20
C14 CNC G . -5.03 22.98 -11.35
C15 CNC G . -4.88 22.47 -12.69
C53 CNC G . -5.08 23.41 -13.87
C16 CNC G . -4.56 21.19 -12.90
C17 CNC G . -4.37 20.48 -14.27
C54 CNC G . -2.99 20.88 -14.76
C55 CNC G . -5.39 20.79 -15.40
C56 CNC G . -6.86 20.75 -14.96
C57 CNC G . -7.76 21.32 -16.04
O58 CNC G . -7.96 22.52 -16.13
N59 CNC G . -8.30 20.42 -16.86
C18 CNC G . -4.44 19.01 -13.83
C60 CNC G . -3.69 17.98 -14.72
C61 CNC G . -4.52 16.78 -15.16
O63 CNC G . -5.75 16.75 -15.08
N62 CNC G . -3.82 15.75 -15.60
C19 CNC G . -4.19 19.11 -12.33
C1P CNC G . -9.21 20.77 -17.93
C2P CNC G . -10.63 20.96 -17.40
C3P CNC G . -11.53 21.49 -18.50
O3 CNC G . -11.08 19.70 -16.92
O4 CNC G . -12.88 20.63 -15.39
O5 CNC G . -12.03 18.11 -15.25
P CNC G . -11.80 19.59 -15.50
O2 CNC G . -10.60 20.06 -14.54
C3R CNC G . -10.81 20.53 -13.21
C2R CNC G . -10.19 19.61 -12.16
O7R CNC G . -9.00 18.94 -12.66
C1R CNC G . -9.91 20.56 -11.01
O6R CNC G . -9.80 21.87 -11.57
C4R CNC G . -10.07 21.83 -12.96
C5R CNC G . -10.78 23.13 -13.33
O8R CNC G . -12.01 23.09 -12.67
N1B CNC G . -8.66 20.23 -10.29
C8B CNC G . -8.57 19.43 -9.24
C2B CNC G . -7.42 20.64 -10.64
N3B CNC G . -6.49 20.13 -9.79
C9B CNC G . -7.14 19.34 -8.90
C4B CNC G . -6.75 18.56 -7.83
C5B CNC G . -7.68 17.85 -7.08
C5M CNC G . -7.23 17.04 -5.91
C6B CNC G . -9.10 17.93 -7.42
C6M CNC G . -10.14 17.15 -6.62
C7B CNC G . -9.49 18.71 -8.50
N1A CNC G . -1.46 21.06 -10.28
C1A CNC G . -2.60 20.93 -10.23
H201 CNC G . -6.23 18.32 -11.54
H202 CNC G . -5.72 16.91 -12.11
H203 CNC G . -5.89 17.12 -10.52
H251 CNC G . -3.85 15.83 -12.82
H252 CNC G . -2.97 14.89 -11.85
H253 CNC G . -4.49 15.22 -11.47
H261 CNC G . -1.42 17.94 -11.02
H262 CNC G . -1.74 17.47 -12.50
H291 CNC G . 0.30 14.80 -12.50
H292 CNC G . -0.54 15.81 -13.32
H3 CNC G . -2.24 16.41 -9.33
H301 CNC G . -4.86 15.42 -9.51
H302 CNC G . -4.45 16.01 -8.11
H311 CNC G . -2.50 14.51 -8.22
H312 CNC G . -3.30 13.78 -9.40
H331 CNC G . -4.39 11.65 -7.01
H332 CNC G . -3.43 11.84 -8.22
H351 CNC G . -2.99 17.04 -6.29
H352 CNC G . -1.87 16.89 -7.45
H353 CNC G . -1.71 18.04 -6.37
H361 CNC G . -2.44 18.95 -4.65
H362 CNC G . -3.46 19.98 -3.96
H363 CNC G . -4.03 18.78 -4.87
H371 CNC G . -1.74 21.39 -7.01
H372 CNC G . -1.17 20.26 -6.06
H401 CNC G . -0.99 22.32 -3.22
H402 CNC G . -1.28 20.83 -3.56
H8 CNC G . -4.08 22.18 -5.51
H411 CNC G . -5.58 20.79 -4.38
H412 CNC G . -5.91 19.96 -5.71
H421 CNC G . -6.91 22.07 -6.57
H422 CNC G . -6.82 22.59 -5.07
H451 CNC G . -9.06 20.04 -3.95
H452 CNC G . -7.58 20.41 -3.63
H10 CNC G . -4.91 23.64 -7.26
H461 CNC G . -5.64 25.57 -7.92
H462 CNC G . -6.06 26.43 -9.21
H463 CNC G . -6.90 25.10 -8.80
H471 CNC G . -3.06 24.83 -10.26
H472 CNC G . -3.79 26.27 -10.14
H473 CNC G . -3.35 25.47 -8.81
H13 CNC G . -4.95 25.02 -11.71
H481 CNC G . -7.48 24.16 -10.66
H482 CNC G . -7.20 24.10 -12.21
H491 CNC G . -7.37 26.53 -10.69
H492 CNC G . -8.38 26.03 -11.81
H521 CNC G . -5.43 28.30 -12.80
H522 CNC G . -5.83 28.02 -11.32
H531 CNC G . -5.98 23.29 -14.24
H532 CNC G . -4.98 24.35 -13.58
H533 CNC G . -4.39 23.23 -14.57
H541 CNC G . -3.06 21.66 -15.37
H542 CNC G . -2.42 21.13 -13.99
H543 CNC G . -2.56 20.15 -15.26
H551 CNC G . -5.26 20.11 -16.12
H552 CNC G . -5.20 21.67 -15.81
H561 CNC G . -7.00 21.25 -14.13
H562 CNC G . -7.13 19.81 -14.79
H59 CNC G . -8.11 19.54 -16.74
H18 CNC G . -5.40 18.75 -13.91
H601 CNC G . -2.89 17.66 -14.25
H602 CNC G . -3.37 18.42 -15.55
H621 CNC G . -4.24 15.00 -15.88
H622 CNC G . -2.92 15.80 -15.65
H1P1 CNC G . -9.22 20.04 -18.61
H1P2 CNC G . -8.91 21.60 -18.37
H2P CNC G . -10.60 21.63 -16.66
H3P1 CNC G . -12.44 21.60 -18.14
H3P2 CNC G . -11.19 22.37 -18.81
H3P3 CNC G . -11.54 20.85 -19.25
H3R CNC G . -11.77 20.64 -13.02
H2R CNC G . -10.87 18.95 -11.87
H1R CNC G . -10.67 20.53 -10.37
H4R CNC G . -9.21 21.80 -13.46
H5R1 CNC G . -10.91 23.20 -14.31
H5R2 CNC G . -10.25 23.92 -13.03
H2B CNC G . -7.21 21.25 -11.38
H4B CNC G . -5.81 18.52 -7.58
HM51 CNC G . -7.37 17.56 -5.08
HM52 CNC G . -7.74 16.20 -5.85
HM53 CNC G . -6.27 16.83 -6.00
HM61 CNC G . -10.43 17.70 -5.84
HM62 CNC G . -10.93 16.96 -7.19
HM63 CNC G . -9.76 16.30 -6.29
H7B CNC G . -10.44 18.75 -8.74
CL CL H . -1.96 4.07 -24.24
S SO4 I . 11.19 13.64 -15.70
O1 SO4 I . 11.92 12.43 -15.38
O2 SO4 I . 9.76 13.35 -15.86
O3 SO4 I . 11.71 14.19 -16.94
O4 SO4 I . 11.39 14.58 -14.61
S SO4 J . 25.39 36.64 -15.94
O1 SO4 J . 25.93 35.54 -15.18
O2 SO4 J . 25.23 36.23 -17.32
O3 SO4 J . 24.12 37.03 -15.40
O4 SO4 J . 26.31 37.75 -15.87
#